data_4ITA
#
_entry.id   4ITA
#
_cell.length_a   42.911
_cell.length_b   115.519
_cell.length_c   180.105
_cell.angle_alpha   90.000
_cell.angle_beta   90.000
_cell.angle_gamma   90.000
#
_symmetry.space_group_name_H-M   'P 21 21 21'
#
loop_
_entity.id
_entity.type
_entity.pdbx_description
1 polymer 'Succinate-semialdehyde dehydrogenase'
2 non-polymer 'NADPH DIHYDRO-NICOTINAMIDE-ADENINE-DINUCLEOTIDE PHOSPHATE'
3 non-polymer 1,2-ETHANEDIOL
4 water water
#
_entity_poly.entity_id   1
_entity_poly.type   'polypeptide(L)'
_entity_poly.pdbx_seq_one_letter_code
;GHMAIATINPTTGEICQRFKALTPAEIDAKLAKAQEAFQAYRRTSFSQRRQWLENAAAILERDTSKFAEIMTTEMGKTHQ
SAIAEAEKSALVCRYYAEHGEQFLANEYTETQATESYVCYQPLGILLAVMPWNFPFWQVFRFAAPALMAGNVAVLKHASN
VPQCALAVEAILEAAGFPEGVFQTLLIGASQVEQVIKDPRVKAATLTGSEPAGASLASLAGQEIKPTLLELGGSDPFVVF
PSADLDEAVEVGTVARTMNNGQSCIAAKRFILHEAIAAEFLEKLHLKFASLKIGDPMAPETDIGPLATEGILQDISRQVD
QAVAAGAKILLGGRPLDRAGYFYPPTILTEIPPGAKILQEELFAPVAMVFTVKDLDQAIALANDIPFGLGASAWTNDPAE
QQRFIQELDAGAVFINGMVKSDPRLPFGGTKRSGYGRELGLAGIRTFVNAKTVWLK
;
_entity_poly.pdbx_strand_id   A,B
#
# COMPACT_ATOMS: atom_id res chain seq x y z
N ILE A 5 -2.16 30.89 4.73
CA ILE A 5 -0.78 30.49 4.96
C ILE A 5 -0.02 31.62 5.65
N ALA A 6 0.36 31.39 6.89
CA ALA A 6 0.92 32.45 7.71
C ALA A 6 1.67 31.91 8.91
N THR A 7 2.68 32.66 9.34
CA THR A 7 3.29 32.44 10.64
C THR A 7 2.49 33.23 11.66
N ILE A 8 1.84 32.51 12.57
CA ILE A 8 1.18 33.13 13.71
C ILE A 8 1.79 32.52 14.96
N ASN A 9 2.51 33.34 15.72
CA ASN A 9 3.23 32.87 16.90
C ASN A 9 2.24 32.47 18.00
N PRO A 10 2.20 31.17 18.35
CA PRO A 10 1.20 30.71 19.32
C PRO A 10 1.48 31.14 20.76
N THR A 11 2.68 31.63 21.03
CA THR A 11 3.00 32.14 22.37
C THR A 11 2.38 33.52 22.60
N THR A 12 2.25 34.30 21.53
CA THR A 12 1.75 35.66 21.65
C THR A 12 0.42 35.87 20.92
N GLY A 13 0.12 35.00 19.96
CA GLY A 13 -1.06 35.18 19.12
C GLY A 13 -0.83 36.15 17.97
N GLU A 14 0.39 36.66 17.87
CA GLU A 14 0.72 37.65 16.84
C GLU A 14 0.91 37.04 15.46
N ILE A 15 0.25 37.63 14.46
CA ILE A 15 0.50 37.30 13.07
C ILE A 15 1.83 37.92 12.64
N CYS A 16 2.78 37.08 12.25
CA CYS A 16 4.15 37.54 12.01
C CYS A 16 4.50 37.76 10.54
N GLN A 17 3.98 36.88 9.69
CA GLN A 17 4.25 36.95 8.26
C GLN A 17 3.18 36.17 7.50
N ARG A 18 2.73 36.73 6.38
CA ARG A 18 1.79 36.03 5.52
C ARG A 18 2.44 35.68 4.20
N PHE A 19 1.91 34.63 3.58
CA PHE A 19 2.45 34.12 2.33
C PHE A 19 1.34 33.94 1.31
N LYS A 20 1.66 34.27 0.05
CA LYS A 20 0.74 34.06 -1.04
C LYS A 20 0.74 32.59 -1.42
N ALA A 21 -0.44 32.00 -1.55
CA ALA A 21 -0.56 30.63 -2.02
C ALA A 21 -0.23 30.58 -3.50
N LEU A 22 0.33 29.46 -3.94
CA LEU A 22 0.55 29.25 -5.37
C LEU A 22 -0.78 29.18 -6.11
N THR A 23 -0.79 29.63 -7.35
CA THR A 23 -1.95 29.41 -8.21
C THR A 23 -1.85 28.02 -8.85
N PRO A 24 -2.98 27.51 -9.38
CA PRO A 24 -2.91 26.26 -10.14
C PRO A 24 -1.87 26.26 -11.27
N ALA A 25 -1.70 27.37 -11.97
CA ALA A 25 -0.68 27.44 -13.01
C ALA A 25 0.73 27.30 -12.42
N GLU A 26 0.96 27.93 -11.27
CA GLU A 26 2.25 27.82 -10.60
C GLU A 26 2.50 26.40 -10.09
N ILE A 27 1.46 25.74 -9.58
CA ILE A 27 1.58 24.34 -9.17
C ILE A 27 1.94 23.48 -10.38
N ASP A 28 1.25 23.70 -11.48
CA ASP A 28 1.54 22.96 -12.71
C ASP A 28 2.99 23.13 -13.15
N ALA A 29 3.51 24.34 -13.06
CA ALA A 29 4.89 24.60 -13.44
C ALA A 29 5.85 23.84 -12.55
N LYS A 30 5.57 23.80 -11.25
CA LYS A 30 6.40 23.04 -10.34
C LYS A 30 6.38 21.54 -10.63
N LEU A 31 5.22 21.02 -11.01
CA LEU A 31 5.13 19.61 -11.38
C LEU A 31 5.87 19.31 -12.69
N ALA A 32 5.78 20.23 -13.66
CA ALA A 32 6.56 20.07 -14.90
C ALA A 32 8.05 20.04 -14.59
N LYS A 33 8.51 20.92 -13.70
CA LYS A 33 9.92 20.95 -13.35
C LYS A 33 10.33 19.70 -12.59
N ALA A 34 9.47 19.22 -11.70
CA ALA A 34 9.74 17.98 -10.98
C ALA A 34 9.89 16.80 -11.93
N GLN A 35 9.04 16.74 -12.95
CA GLN A 35 9.12 15.67 -13.92
C GLN A 35 10.43 15.70 -14.70
N GLU A 36 10.82 16.89 -15.14
CA GLU A 36 12.09 17.04 -15.84
C GLU A 36 13.25 16.68 -14.91
N ALA A 37 13.18 17.14 -13.66
CA ALA A 37 14.24 16.83 -12.69
C ALA A 37 14.33 15.34 -12.45
N PHE A 38 13.18 14.66 -12.32
CA PHE A 38 13.16 13.22 -12.10
C PHE A 38 13.86 12.46 -13.21
N GLN A 39 13.67 12.89 -14.45
CA GLN A 39 14.26 12.18 -15.58
C GLN A 39 15.78 12.13 -15.49
N ALA A 40 16.38 13.17 -14.94
CA ALA A 40 17.83 13.18 -14.72
C ALA A 40 18.19 12.54 -13.38
N TYR A 41 17.38 12.81 -12.35
CA TYR A 41 17.71 12.39 -11.00
C TYR A 41 17.69 10.87 -10.85
N ARG A 42 16.79 10.22 -11.57
CA ARG A 42 16.69 8.77 -11.53
C ARG A 42 17.98 8.12 -12.06
N ARG A 43 18.77 8.88 -12.81
CA ARG A 43 20.03 8.37 -13.37
C ARG A 43 21.25 8.66 -12.51
N THR A 44 21.07 9.43 -11.43
CA THR A 44 22.19 9.71 -10.53
C THR A 44 22.64 8.46 -9.79
N SER A 45 23.91 8.44 -9.40
CA SER A 45 24.41 7.32 -8.63
C SER A 45 24.04 7.48 -7.17
N PHE A 46 24.02 6.36 -6.46
CA PHE A 46 23.86 6.40 -5.02
C PHE A 46 24.93 7.26 -4.34
N SER A 47 26.14 7.30 -4.89
CA SER A 47 27.19 8.12 -4.29
C SER A 47 26.82 9.60 -4.28
N GLN A 48 26.24 10.09 -5.36
CA GLN A 48 25.78 11.48 -5.41
C GLN A 48 24.64 11.72 -4.42
N ARG A 49 23.65 10.83 -4.42
CA ARG A 49 22.50 11.00 -3.53
C ARG A 49 22.95 10.97 -2.09
N ARG A 50 23.87 10.07 -1.78
CA ARG A 50 24.43 9.93 -0.44
C ARG A 50 25.18 11.18 -0.01
N GLN A 51 25.97 11.75 -0.91
CA GLN A 51 26.69 12.99 -0.63
C GLN A 51 25.71 14.11 -0.27
N TRP A 52 24.68 14.28 -1.08
CA TRP A 52 23.72 15.35 -0.85
C TRP A 52 22.95 15.12 0.45
N LEU A 53 22.59 13.86 0.72
CA LEU A 53 21.89 13.53 1.97
C LEU A 53 22.76 13.79 3.20
N GLU A 54 24.04 13.43 3.10
CA GLU A 54 24.95 13.66 4.21
C GLU A 54 25.24 15.15 4.39
N ASN A 55 25.27 15.90 3.29
CA ASN A 55 25.39 17.34 3.37
C ASN A 55 24.20 17.95 4.11
N ALA A 56 23.00 17.45 3.82
CA ALA A 56 21.78 17.92 4.50
C ALA A 56 21.87 17.65 6.00
N ALA A 57 22.32 16.44 6.35
CA ALA A 57 22.54 16.09 7.76
C ALA A 57 23.50 17.07 8.43
N ALA A 58 24.62 17.38 7.77
CA ALA A 58 25.61 18.28 8.34
C ALA A 58 25.05 19.69 8.52
N ILE A 59 24.21 20.15 7.60
CA ILE A 59 23.55 21.45 7.74
C ILE A 59 22.64 21.46 8.96
N LEU A 60 21.83 20.42 9.11
CA LEU A 60 20.95 20.29 10.28
C LEU A 60 21.75 20.23 11.58
N GLU A 61 22.87 19.51 11.57
CA GLU A 61 23.71 19.36 12.75
C GLU A 61 24.41 20.66 13.15
N ARG A 62 24.77 21.48 12.16
CA ARG A 62 25.45 22.73 12.45
C ARG A 62 24.50 23.80 12.98
N ASP A 63 23.35 23.96 12.34
CA ASP A 63 22.47 25.08 12.62
C ASP A 63 21.22 24.67 13.38
N THR A 64 21.36 23.67 14.24
CA THR A 64 20.23 23.10 14.97
C THR A 64 19.43 24.16 15.75
N SER A 65 20.11 25.08 16.41
CA SER A 65 19.44 26.07 17.23
C SER A 65 18.62 27.04 16.39
N LYS A 66 19.18 27.44 15.25
CA LYS A 66 18.49 28.34 14.34
C LYS A 66 17.22 27.69 13.77
N PHE A 67 17.35 26.44 13.31
CA PHE A 67 16.18 25.75 12.78
C PHE A 67 15.15 25.54 13.88
N ALA A 68 15.62 25.21 15.07
CA ALA A 68 14.72 25.02 16.20
C ALA A 68 13.94 26.29 16.51
N GLU A 69 14.57 27.45 16.38
CA GLU A 69 13.89 28.71 16.66
C GLU A 69 12.75 28.93 15.68
N ILE A 70 12.92 28.49 14.44
CA ILE A 70 11.85 28.62 13.46
C ILE A 70 10.66 27.78 13.89
N MET A 71 10.93 26.53 14.28
CA MET A 71 9.88 25.61 14.74
C MET A 71 9.13 26.19 15.93
N THR A 72 9.86 26.61 16.94
CA THR A 72 9.25 27.18 18.14
C THR A 72 8.41 28.42 17.84
N THR A 73 8.94 29.30 17.01
CA THR A 73 8.22 30.51 16.65
C THR A 73 6.90 30.20 15.96
N GLU A 74 6.91 29.25 15.03
CA GLU A 74 5.71 28.96 14.26
C GLU A 74 4.68 28.10 14.97
N MET A 75 5.13 27.11 15.73
CA MET A 75 4.17 26.14 16.27
C MET A 75 4.30 25.83 17.76
N GLY A 76 5.21 26.50 18.46
CA GLY A 76 5.17 26.57 19.91
C GLY A 76 5.81 25.46 20.72
N LYS A 77 6.41 24.46 20.08
CA LYS A 77 7.12 23.44 20.84
C LYS A 77 8.35 24.05 21.50
N THR A 78 8.82 23.47 22.61
CA THR A 78 9.97 24.07 23.28
C THR A 78 11.19 24.10 22.35
N HIS A 79 11.99 25.14 22.49
CA HIS A 79 13.20 25.26 21.69
C HIS A 79 14.11 24.06 21.91
N GLN A 80 14.20 23.57 23.14
CA GLN A 80 15.03 22.41 23.42
C GLN A 80 14.54 21.16 22.71
N SER A 81 13.24 20.93 22.68
CA SER A 81 12.71 19.76 21.97
C SER A 81 12.83 19.95 20.45
N ALA A 82 12.79 21.21 19.99
CA ALA A 82 13.00 21.49 18.57
C ALA A 82 14.44 21.25 18.14
N ILE A 83 15.39 21.50 19.04
CA ILE A 83 16.78 21.15 18.79
C ILE A 83 16.88 19.64 18.62
N ALA A 84 16.25 18.88 19.52
CA ALA A 84 16.25 17.44 19.39
C ALA A 84 15.61 17.00 18.07
N GLU A 85 14.56 17.69 17.65
CA GLU A 85 13.89 17.35 16.40
C GLU A 85 14.81 17.56 15.19
N ALA A 86 15.57 18.65 15.20
CA ALA A 86 16.53 18.91 14.13
C ALA A 86 17.61 17.82 14.13
N GLU A 87 18.05 17.41 15.31
CA GLU A 87 19.04 16.35 15.42
C GLU A 87 18.52 15.02 14.89
N LYS A 88 17.26 14.72 15.19
CA LYS A 88 16.68 13.46 14.73
C LYS A 88 16.49 13.49 13.20
N SER A 89 16.17 14.67 12.68
CA SER A 89 16.10 14.88 11.22
C SER A 89 17.43 14.55 10.55
N ALA A 90 18.52 15.03 11.13
CA ALA A 90 19.85 14.69 10.62
C ALA A 90 20.07 13.18 10.68
N LEU A 91 19.61 12.56 11.76
CA LEU A 91 19.83 11.13 11.96
C LEU A 91 19.17 10.29 10.87
N VAL A 92 17.95 10.63 10.47
CA VAL A 92 17.28 9.83 9.45
C VAL A 92 17.92 10.06 8.07
N CYS A 93 18.44 11.26 7.83
CA CYS A 93 19.22 11.51 6.61
C CYS A 93 20.43 10.57 6.57
N ARG A 94 21.15 10.50 7.69
CA ARG A 94 22.33 9.64 7.75
C ARG A 94 21.97 8.16 7.65
N TYR A 95 20.85 7.76 8.26
CA TYR A 95 20.39 6.39 8.18
C TYR A 95 20.22 5.91 6.74
N TYR A 96 19.51 6.69 5.93
CA TYR A 96 19.32 6.29 4.54
C TYR A 96 20.56 6.50 3.67
N ALA A 97 21.38 7.50 4.00
CA ALA A 97 22.70 7.60 3.35
C ALA A 97 23.51 6.33 3.59
N GLU A 98 23.44 5.80 4.82
CA GLU A 98 24.28 4.67 5.22
C GLU A 98 23.75 3.30 4.78
N HIS A 99 22.44 3.19 4.60
CA HIS A 99 21.81 1.89 4.34
C HIS A 99 21.02 1.80 3.04
N GLY A 100 20.69 2.93 2.45
CA GLY A 100 19.75 2.96 1.33
C GLY A 100 20.14 2.15 0.11
N GLU A 101 21.41 2.21 -0.27
CA GLU A 101 21.87 1.45 -1.42
C GLU A 101 21.70 -0.05 -1.18
N GLN A 102 22.13 -0.51 0.00
CA GLN A 102 22.01 -1.92 0.36
C GLN A 102 20.55 -2.34 0.40
N PHE A 103 19.71 -1.47 0.93
CA PHE A 103 18.28 -1.75 1.05
C PHE A 103 17.59 -1.86 -0.30
N LEU A 104 18.19 -1.28 -1.34
CA LEU A 104 17.61 -1.30 -2.67
C LEU A 104 18.34 -2.22 -3.66
N ALA A 105 19.32 -2.98 -3.16
CA ALA A 105 20.08 -3.90 -4.00
C ALA A 105 19.20 -5.01 -4.59
N ASN A 106 19.61 -5.51 -5.76
CA ASN A 106 18.90 -6.63 -6.39
C ASN A 106 18.77 -7.80 -5.43
N GLU A 107 17.62 -8.45 -5.43
CA GLU A 107 17.44 -9.67 -4.64
C GLU A 107 17.20 -10.83 -5.60
N TYR A 108 18.13 -11.77 -5.63
CA TYR A 108 18.10 -12.86 -6.59
C TYR A 108 17.32 -14.05 -6.03
N THR A 109 16.54 -14.69 -6.90
CA THR A 109 15.79 -15.88 -6.53
C THR A 109 16.08 -16.93 -7.60
N GLU A 110 16.43 -18.14 -7.15
CA GLU A 110 16.81 -19.18 -8.09
C GLU A 110 15.61 -19.76 -8.82
N THR A 111 15.67 -19.73 -10.14
CA THR A 111 14.68 -20.37 -11.01
C THR A 111 15.44 -21.00 -12.16
N GLN A 112 14.73 -21.41 -13.20
CA GLN A 112 15.42 -21.93 -14.38
C GLN A 112 15.97 -20.83 -15.29
N ALA A 113 15.65 -19.58 -14.97
CA ALA A 113 16.28 -18.45 -15.65
C ALA A 113 17.79 -18.47 -15.40
N THR A 114 18.55 -17.95 -16.37
CA THR A 114 19.96 -17.65 -16.12
C THR A 114 20.07 -16.62 -14.99
N GLU A 115 19.20 -15.62 -15.03
CA GLU A 115 19.13 -14.65 -13.95
C GLU A 115 17.67 -14.34 -13.68
N SER A 116 17.27 -14.40 -12.42
CA SER A 116 15.96 -13.93 -12.02
C SER A 116 16.07 -13.21 -10.68
N TYR A 117 15.52 -12.01 -10.62
CA TYR A 117 15.67 -11.18 -9.44
C TYR A 117 14.61 -10.12 -9.39
N VAL A 118 14.57 -9.44 -8.25
CA VAL A 118 13.79 -8.22 -8.13
C VAL A 118 14.78 -7.06 -7.99
N CYS A 119 14.57 -6.01 -8.77
CA CYS A 119 15.32 -4.78 -8.60
C CYS A 119 14.35 -3.68 -8.18
N TYR A 120 14.90 -2.56 -7.72
CA TYR A 120 14.06 -1.53 -7.12
C TYR A 120 14.36 -0.21 -7.80
N GLN A 121 13.33 0.39 -8.38
CA GLN A 121 13.50 1.62 -9.14
C GLN A 121 12.47 2.65 -8.66
N PRO A 122 12.82 3.94 -8.71
CA PRO A 122 11.91 4.97 -8.23
C PRO A 122 10.65 5.09 -9.10
N LEU A 123 9.56 5.53 -8.50
CA LEU A 123 8.31 5.74 -9.22
C LEU A 123 8.25 7.06 -9.98
N GLY A 124 8.81 8.12 -9.40
CA GLY A 124 8.69 9.44 -9.99
C GLY A 124 8.37 10.47 -8.91
N ILE A 125 7.44 11.36 -9.21
CA ILE A 125 7.05 12.40 -8.26
C ILE A 125 6.15 11.82 -7.14
N LEU A 126 6.60 12.01 -5.91
CA LEU A 126 5.82 11.69 -4.72
C LEU A 126 5.28 12.98 -4.09
N LEU A 127 3.97 13.01 -3.85
CA LEU A 127 3.36 14.07 -3.05
C LEU A 127 3.39 13.67 -1.59
N ALA A 128 3.84 14.60 -0.75
CA ALA A 128 3.76 14.43 0.70
C ALA A 128 2.95 15.56 1.32
N VAL A 129 1.99 15.18 2.17
CA VAL A 129 1.19 16.14 2.94
C VAL A 129 1.54 15.92 4.40
N MET A 130 2.01 16.98 5.06
CA MET A 130 2.61 16.86 6.39
C MET A 130 1.96 17.81 7.41
N PRO A 131 2.06 17.46 8.71
CA PRO A 131 1.43 18.25 9.77
C PRO A 131 2.40 19.18 10.50
N TRP A 132 1.86 20.11 11.29
CA TRP A 132 2.69 21.07 11.97
C TRP A 132 3.39 20.52 13.22
N ASN A 133 3.02 19.34 13.70
CA ASN A 133 3.49 18.95 15.04
C ASN A 133 4.97 18.58 15.13
N PHE A 134 5.52 18.00 14.07
CA PHE A 134 6.95 17.75 13.99
C PHE A 134 7.36 18.25 12.61
N PRO A 135 7.46 19.58 12.46
CA PRO A 135 7.51 20.18 11.13
C PRO A 135 8.79 19.92 10.36
N PHE A 136 9.87 19.52 11.04
CA PHE A 136 11.09 19.09 10.36
C PHE A 136 11.17 17.57 10.28
N TRP A 137 11.04 16.90 11.43
CA TRP A 137 11.23 15.46 11.49
C TRP A 137 10.32 14.68 10.55
N GLN A 138 9.03 15.00 10.50
CA GLN A 138 8.15 14.22 9.65
C GLN A 138 8.50 14.40 8.18
N VAL A 139 8.97 15.59 7.82
CA VAL A 139 9.40 15.84 6.45
C VAL A 139 10.63 15.01 6.11
N PHE A 140 11.66 15.06 6.96
CA PHE A 140 12.86 14.27 6.68
C PHE A 140 12.62 12.78 6.77
N ARG A 141 11.67 12.36 7.60
CA ARG A 141 11.27 10.95 7.68
C ARG A 141 10.87 10.39 6.30
N PHE A 142 10.09 11.15 5.53
CA PHE A 142 9.74 10.67 4.20
C PHE A 142 10.78 11.09 3.16
N ALA A 143 11.37 12.27 3.33
CA ALA A 143 12.21 12.82 2.27
C ALA A 143 13.55 12.10 2.11
N ALA A 144 14.18 11.73 3.22
CA ALA A 144 15.46 11.03 3.15
C ALA A 144 15.38 9.73 2.31
N PRO A 145 14.43 8.82 2.61
CA PRO A 145 14.38 7.62 1.76
C PRO A 145 13.89 7.91 0.34
N ALA A 146 12.98 8.87 0.17
CA ALA A 146 12.53 9.25 -1.17
C ALA A 146 13.70 9.66 -2.04
N LEU A 147 14.53 10.54 -1.50
CA LEU A 147 15.64 11.07 -2.29
C LEU A 147 16.72 10.02 -2.50
N MET A 148 16.97 9.18 -1.49
CA MET A 148 17.96 8.13 -1.68
C MET A 148 17.51 7.13 -2.75
N ALA A 149 16.20 6.91 -2.84
CA ALA A 149 15.63 5.96 -3.79
C ALA A 149 15.59 6.49 -5.22
N GLY A 150 15.77 7.80 -5.39
CA GLY A 150 15.72 8.40 -6.72
C GLY A 150 14.37 8.97 -7.11
N ASN A 151 13.41 8.98 -6.19
CA ASN A 151 12.16 9.72 -6.40
C ASN A 151 12.43 11.21 -6.29
N VAL A 152 11.51 12.02 -6.81
CA VAL A 152 11.48 13.43 -6.46
C VAL A 152 10.21 13.69 -5.65
N ALA A 153 10.17 14.82 -4.94
CA ALA A 153 9.07 15.05 -4.03
C ALA A 153 8.55 16.47 -4.09
N VAL A 154 7.23 16.59 -3.92
CA VAL A 154 6.60 17.88 -3.68
C VAL A 154 5.94 17.80 -2.31
N LEU A 155 6.17 18.82 -1.51
CA LEU A 155 5.68 18.86 -0.13
C LEU A 155 4.57 19.90 0.02
N LYS A 156 3.42 19.46 0.50
CA LYS A 156 2.39 20.38 0.99
C LYS A 156 2.42 20.28 2.50
N HIS A 157 3.04 21.27 3.13
CA HIS A 157 3.15 21.31 4.58
C HIS A 157 1.90 21.99 5.15
N ALA A 158 1.77 21.94 6.46
CA ALA A 158 0.67 22.60 7.14
C ALA A 158 0.74 24.11 6.89
N SER A 159 -0.41 24.76 6.83
CA SER A 159 -0.47 26.17 6.48
C SER A 159 0.10 27.11 7.51
N ASN A 160 0.29 26.61 8.73
CA ASN A 160 0.85 27.41 9.82
C ASN A 160 2.35 27.22 10.02
N VAL A 161 2.99 26.39 9.20
CA VAL A 161 4.45 26.29 9.26
C VAL A 161 5.17 26.60 7.93
N PRO A 162 4.80 27.71 7.26
CA PRO A 162 5.44 28.01 5.98
C PRO A 162 6.95 28.24 6.10
N GLN A 163 7.42 28.87 7.16
CA GLN A 163 8.86 29.07 7.29
C GLN A 163 9.61 27.76 7.47
N CYS A 164 9.04 26.82 8.21
CA CYS A 164 9.64 25.50 8.33
C CYS A 164 9.70 24.81 6.97
N ALA A 165 8.59 24.90 6.25
CA ALA A 165 8.50 24.28 4.93
C ALA A 165 9.54 24.85 3.96
N LEU A 166 9.69 26.18 3.95
CA LEU A 166 10.69 26.82 3.10
C LEU A 166 12.10 26.48 3.55
N ALA A 167 12.31 26.38 4.86
CA ALA A 167 13.63 26.03 5.39
C ALA A 167 14.08 24.64 4.95
N VAL A 168 13.17 23.67 4.95
CA VAL A 168 13.54 22.32 4.52
C VAL A 168 13.99 22.33 3.06
N GLU A 169 13.25 23.02 2.20
CA GLU A 169 13.69 23.13 0.81
C GLU A 169 15.06 23.81 0.71
N ALA A 170 15.27 24.87 1.48
CA ALA A 170 16.54 25.59 1.45
C ALA A 170 17.70 24.71 1.92
N ILE A 171 17.47 23.87 2.91
CA ILE A 171 18.50 22.94 3.38
C ILE A 171 18.88 21.99 2.25
N LEU A 172 17.88 21.47 1.56
CA LEU A 172 18.13 20.50 0.50
C LEU A 172 18.82 21.13 -0.73
N GLU A 173 18.48 22.39 -1.02
CA GLU A 173 19.19 23.13 -2.06
C GLU A 173 20.65 23.34 -1.68
N ALA A 174 20.89 23.81 -0.45
CA ALA A 174 22.25 24.07 0.01
C ALA A 174 23.07 22.78 0.05
N ALA A 175 22.40 21.66 0.29
CA ALA A 175 23.07 20.37 0.36
C ALA A 175 23.57 19.91 -1.01
N GLY A 176 22.95 20.40 -2.08
CA GLY A 176 23.35 20.07 -3.43
C GLY A 176 22.32 19.32 -4.25
N PHE A 177 21.15 19.01 -3.69
CA PHE A 177 20.14 18.31 -4.47
C PHE A 177 19.69 19.18 -5.63
N PRO A 178 19.70 18.64 -6.86
CA PRO A 178 19.34 19.45 -8.03
C PRO A 178 17.94 20.08 -7.95
N GLU A 179 17.79 21.21 -8.62
CA GLU A 179 16.52 21.93 -8.67
C GLU A 179 15.41 21.01 -9.17
N GLY A 180 14.27 21.01 -8.48
CA GLY A 180 13.15 20.17 -8.87
C GLY A 180 13.09 18.83 -8.19
N VAL A 181 14.16 18.45 -7.51
CA VAL A 181 14.17 17.17 -6.80
C VAL A 181 13.31 17.24 -5.54
N PHE A 182 13.30 18.39 -4.87
CA PHE A 182 12.42 18.61 -3.73
C PHE A 182 11.85 20.00 -3.84
N GLN A 183 10.53 20.12 -3.77
CA GLN A 183 9.91 21.44 -3.84
C GLN A 183 8.82 21.58 -2.79
N THR A 184 8.91 22.64 -2.01
CA THR A 184 7.84 23.03 -1.11
C THR A 184 6.76 23.78 -1.84
N LEU A 185 5.53 23.32 -1.69
CA LEU A 185 4.36 23.98 -2.28
C LEU A 185 3.63 24.74 -1.20
N LEU A 186 3.65 26.06 -1.28
CA LEU A 186 2.88 26.89 -0.37
C LEU A 186 1.44 26.90 -0.86
N ILE A 187 0.68 25.88 -0.49
CA ILE A 187 -0.68 25.71 -0.95
C ILE A 187 -1.58 25.24 0.18
N GLY A 188 -2.86 25.51 0.05
CA GLY A 188 -3.85 25.10 1.04
C GLY A 188 -4.39 23.71 0.77
N ALA A 189 -5.19 23.22 1.71
CA ALA A 189 -5.75 21.88 1.60
C ALA A 189 -6.58 21.68 0.33
N SER A 190 -7.31 22.72 -0.09
CA SER A 190 -8.16 22.63 -1.27
C SER A 190 -7.38 22.46 -2.58
N GLN A 191 -6.07 22.70 -2.52
CA GLN A 191 -5.25 22.71 -3.72
C GLN A 191 -4.55 21.37 -3.95
N VAL A 192 -4.68 20.47 -2.98
CA VAL A 192 -4.01 19.17 -3.05
C VAL A 192 -4.61 18.27 -4.13
N GLU A 193 -5.92 18.38 -4.34
CA GLU A 193 -6.58 17.55 -5.34
C GLU A 193 -5.93 17.68 -6.73
N GLN A 194 -5.60 18.92 -7.13
CA GLN A 194 -4.92 19.12 -8.40
C GLN A 194 -3.63 18.30 -8.48
N VAL A 195 -2.88 18.29 -7.38
CA VAL A 195 -1.62 17.56 -7.36
C VAL A 195 -1.84 16.05 -7.50
N ILE A 196 -2.76 15.51 -6.70
CA ILE A 196 -3.05 14.07 -6.78
C ILE A 196 -3.54 13.65 -8.16
N LYS A 197 -4.31 14.51 -8.81
CA LYS A 197 -4.88 14.20 -10.12
C LYS A 197 -3.91 14.43 -11.28
N ASP A 198 -2.76 15.05 -11.01
CA ASP A 198 -1.82 15.32 -12.09
C ASP A 198 -1.18 14.01 -12.53
N PRO A 199 -1.13 13.76 -13.85
CA PRO A 199 -0.62 12.46 -14.32
C PRO A 199 0.85 12.22 -13.99
N ARG A 200 1.61 13.27 -13.73
CA ARG A 200 3.03 13.10 -13.39
C ARG A 200 3.26 12.68 -11.95
N VAL A 201 2.26 12.91 -11.10
CA VAL A 201 2.37 12.54 -9.69
C VAL A 201 2.00 11.07 -9.55
N LYS A 202 2.90 10.27 -8.99
CA LYS A 202 2.76 8.80 -9.04
C LYS A 202 2.30 8.15 -7.74
N ALA A 203 2.40 8.89 -6.64
CA ALA A 203 2.14 8.32 -5.33
C ALA A 203 1.94 9.45 -4.35
N ALA A 204 1.31 9.16 -3.22
CA ALA A 204 1.10 10.18 -2.20
C ALA A 204 1.18 9.61 -0.80
N THR A 205 1.75 10.39 0.10
CA THR A 205 1.87 10.04 1.50
C THR A 205 1.32 11.17 2.36
N LEU A 206 0.61 10.82 3.42
CA LEU A 206 0.08 11.85 4.32
C LEU A 206 0.28 11.43 5.76
N THR A 207 0.76 12.39 6.55
CA THR A 207 0.77 12.28 8.01
C THR A 207 -0.16 13.39 8.51
N GLY A 208 -1.13 13.02 9.34
CA GLY A 208 -2.15 13.96 9.73
C GLY A 208 -3.37 13.31 10.36
N SER A 209 -4.48 14.02 10.33
CA SER A 209 -5.72 13.54 10.92
C SER A 209 -6.50 12.67 9.94
N GLU A 210 -7.49 11.95 10.46
CA GLU A 210 -8.29 11.07 9.62
C GLU A 210 -9.01 11.76 8.46
N PRO A 211 -9.66 12.93 8.69
CA PRO A 211 -10.34 13.52 7.53
C PRO A 211 -9.38 13.89 6.40
N ALA A 212 -8.18 14.37 6.74
CA ALA A 212 -7.18 14.67 5.72
C ALA A 212 -6.75 13.40 4.98
N GLY A 213 -6.46 12.34 5.75
CA GLY A 213 -6.07 11.07 5.14
C GLY A 213 -7.15 10.46 4.27
N ALA A 214 -8.40 10.51 4.73
CA ALA A 214 -9.52 10.00 3.95
C ALA A 214 -9.65 10.73 2.62
N SER A 215 -9.47 12.05 2.65
CA SER A 215 -9.55 12.86 1.45
C SER A 215 -8.45 12.48 0.46
N LEU A 216 -7.20 12.49 0.93
CA LEU A 216 -6.09 12.17 0.06
C LEU A 216 -6.16 10.75 -0.47
N ALA A 217 -6.48 9.80 0.40
CA ALA A 217 -6.48 8.40 -0.02
C ALA A 217 -7.63 8.05 -0.96
N SER A 218 -8.80 8.66 -0.73
CA SER A 218 -9.93 8.42 -1.64
C SER A 218 -9.63 8.98 -3.03
N LEU A 219 -9.03 10.18 -3.08
CA LEU A 219 -8.66 10.79 -4.35
C LEU A 219 -7.57 9.98 -5.07
N ALA A 220 -6.55 9.56 -4.32
CA ALA A 220 -5.47 8.75 -4.91
C ALA A 220 -5.99 7.41 -5.40
N GLY A 221 -6.92 6.82 -4.66
CA GLY A 221 -7.51 5.56 -5.06
C GLY A 221 -8.23 5.67 -6.39
N GLN A 222 -8.98 6.75 -6.58
CA GLN A 222 -9.65 6.99 -7.86
C GLN A 222 -8.66 7.07 -9.01
N GLU A 223 -7.45 7.58 -8.72
CA GLU A 223 -6.42 7.74 -9.73
C GLU A 223 -5.46 6.54 -9.83
N ILE A 224 -5.77 5.46 -9.12
CA ILE A 224 -4.93 4.25 -9.12
C ILE A 224 -3.51 4.55 -8.66
N LYS A 225 -3.38 5.29 -7.56
CA LYS A 225 -2.05 5.64 -7.06
C LYS A 225 -1.88 5.16 -5.64
N PRO A 226 -0.70 4.59 -5.35
CA PRO A 226 -0.48 4.06 -4.00
C PRO A 226 -0.31 5.16 -2.96
N THR A 227 -0.69 4.83 -1.73
CA THR A 227 -0.59 5.76 -0.61
C THR A 227 -0.01 5.12 0.63
N LEU A 228 0.39 5.97 1.57
CA LEU A 228 0.80 5.57 2.90
C LEU A 228 0.16 6.61 3.80
N LEU A 229 -0.54 6.16 4.86
CA LEU A 229 -1.19 7.05 5.80
C LEU A 229 -0.67 6.84 7.21
N GLU A 230 -0.17 7.90 7.81
CA GLU A 230 0.28 7.91 9.19
C GLU A 230 -0.65 8.85 9.95
N LEU A 231 -1.63 8.30 10.65
CA LEU A 231 -2.65 9.12 11.28
C LEU A 231 -2.51 9.12 12.79
N GLY A 232 -3.54 9.61 13.49
CA GLY A 232 -3.45 9.80 14.92
C GLY A 232 -3.62 8.54 15.73
N GLY A 233 -3.49 8.68 17.05
CA GLY A 233 -3.68 7.56 17.94
C GLY A 233 -4.26 7.97 19.28
N SER A 234 -4.66 6.98 20.06
CA SER A 234 -4.98 7.21 21.46
C SER A 234 -4.27 6.11 22.23
N ASP A 235 -2.95 6.17 22.22
CA ASP A 235 -2.13 5.06 22.67
C ASP A 235 -2.33 4.77 24.16
N PRO A 236 -2.44 3.49 24.51
CA PRO A 236 -2.51 3.11 25.92
C PRO A 236 -1.12 3.09 26.56
N PHE A 237 -1.10 3.37 27.87
CA PHE A 237 0.10 3.27 28.68
C PHE A 237 -0.35 2.43 29.87
N VAL A 238 -0.01 1.14 29.82
CA VAL A 238 -0.53 0.16 30.76
C VAL A 238 0.50 -0.10 31.84
N VAL A 239 0.09 0.01 33.10
CA VAL A 239 1.01 -0.18 34.21
C VAL A 239 0.54 -1.29 35.14
N PHE A 240 1.34 -2.34 35.25
CA PHE A 240 0.95 -3.52 36.02
C PHE A 240 1.77 -3.67 37.32
N PRO A 241 1.34 -4.57 38.23
CA PRO A 241 1.91 -4.54 39.58
C PRO A 241 3.42 -4.78 39.71
N SER A 242 4.03 -5.48 38.74
CA SER A 242 5.47 -5.74 38.82
C SER A 242 6.31 -4.64 38.17
N ALA A 243 5.66 -3.57 37.72
CA ALA A 243 6.38 -2.47 37.07
C ALA A 243 7.27 -1.68 38.03
N ASP A 244 8.33 -1.08 37.50
CA ASP A 244 9.07 -0.04 38.21
C ASP A 244 8.20 1.20 38.17
N LEU A 245 7.47 1.43 39.25
CA LEU A 245 6.44 2.46 39.28
C LEU A 245 7.01 3.86 39.09
N ASP A 246 8.10 4.17 39.77
CA ASP A 246 8.68 5.50 39.65
C ASP A 246 9.18 5.78 38.24
N GLU A 247 9.81 4.80 37.60
CA GLU A 247 10.23 4.95 36.20
C GLU A 247 9.00 5.13 35.29
N ALA A 248 7.98 4.32 35.52
CA ALA A 248 6.76 4.41 34.71
C ALA A 248 6.09 5.78 34.82
N VAL A 249 6.08 6.37 36.02
CA VAL A 249 5.52 7.71 36.20
C VAL A 249 6.32 8.78 35.47
N GLU A 250 7.64 8.72 35.62
CA GLU A 250 8.54 9.69 34.99
C GLU A 250 8.40 9.60 33.47
N VAL A 251 8.51 8.39 32.95
CA VAL A 251 8.44 8.17 31.51
C VAL A 251 7.04 8.47 30.97
N GLY A 252 6.00 8.04 31.69
CA GLY A 252 4.64 8.34 31.29
C GLY A 252 4.33 9.81 31.21
N THR A 253 4.89 10.58 32.14
CA THR A 253 4.70 12.02 32.14
C THR A 253 5.32 12.62 30.89
N VAL A 254 6.55 12.21 30.55
CA VAL A 254 7.17 12.66 29.32
C VAL A 254 6.32 12.24 28.12
N ALA A 255 5.89 10.99 28.10
CA ALA A 255 5.14 10.47 26.95
C ALA A 255 3.83 11.25 26.70
N ARG A 256 3.13 11.65 27.75
CA ARG A 256 1.90 12.43 27.56
C ARG A 256 2.18 13.89 27.23
N THR A 257 3.20 14.48 27.84
CA THR A 257 3.34 15.94 27.81
C THR A 257 4.38 16.48 26.83
N MET A 258 5.24 15.63 26.28
CA MET A 258 6.22 16.07 25.29
C MET A 258 5.51 16.71 24.10
N ASN A 259 6.16 17.67 23.46
CA ASN A 259 5.59 18.38 22.31
C ASN A 259 4.26 19.03 22.67
N ASN A 260 4.16 19.48 23.92
CA ASN A 260 2.94 20.07 24.47
C ASN A 260 1.73 19.15 24.31
N GLY A 261 2.01 17.85 24.35
CA GLY A 261 0.98 16.84 24.22
C GLY A 261 0.63 16.46 22.79
N GLN A 262 1.15 17.23 21.83
CA GLN A 262 0.73 17.10 20.43
C GLN A 262 1.56 16.08 19.67
N SER A 263 1.43 14.82 20.08
CA SER A 263 2.12 13.75 19.39
C SER A 263 1.17 12.60 19.14
N CYS A 264 1.29 12.01 17.96
CA CYS A 264 0.50 10.85 17.60
C CYS A 264 0.76 9.66 18.52
N ILE A 265 1.97 9.56 19.07
CA ILE A 265 2.35 8.47 19.95
C ILE A 265 2.53 8.94 21.39
N ALA A 266 1.88 10.04 21.75
CA ALA A 266 1.76 10.40 23.15
C ALA A 266 1.07 9.26 23.88
N ALA A 267 1.43 9.08 25.16
CA ALA A 267 0.63 8.25 26.05
C ALA A 267 -0.66 9.02 26.35
N LYS A 268 -1.79 8.55 25.86
CA LYS A 268 -3.04 9.28 26.01
C LYS A 268 -4.01 8.67 27.03
N ARG A 269 -4.00 7.35 27.15
CA ARG A 269 -4.87 6.64 28.08
C ARG A 269 -4.03 5.78 29.00
N PHE A 270 -4.00 6.16 30.27
CA PHE A 270 -3.25 5.43 31.29
C PHE A 270 -4.15 4.38 31.89
N ILE A 271 -3.72 3.13 31.77
CA ILE A 271 -4.53 1.98 32.21
C ILE A 271 -3.78 1.30 33.34
N LEU A 272 -4.31 1.46 34.54
CA LEU A 272 -3.58 1.12 35.76
C LEU A 272 -4.19 -0.08 36.45
N HIS A 273 -3.36 -1.09 36.72
CA HIS A 273 -3.82 -2.21 37.54
C HIS A 273 -4.22 -1.71 38.93
N GLU A 274 -5.36 -2.16 39.43
CA GLU A 274 -5.88 -1.67 40.71
C GLU A 274 -4.89 -1.79 41.88
N ALA A 275 -4.00 -2.76 41.83
CA ALA A 275 -3.06 -2.97 42.92
C ALA A 275 -2.06 -1.82 43.07
N ILE A 276 -1.80 -1.11 41.96
CA ILE A 276 -0.84 -0.01 41.99
C ILE A 276 -1.44 1.32 41.60
N ALA A 277 -2.72 1.34 41.30
CA ALA A 277 -3.35 2.53 40.74
C ALA A 277 -3.29 3.75 41.64
N ALA A 278 -3.52 3.57 42.94
CA ALA A 278 -3.51 4.71 43.85
C ALA A 278 -2.14 5.38 43.90
N GLU A 279 -1.09 4.57 44.05
CA GLU A 279 0.27 5.10 44.12
C GLU A 279 0.69 5.73 42.79
N PHE A 280 0.44 5.03 41.69
CA PHE A 280 0.81 5.58 40.39
C PHE A 280 0.07 6.89 40.10
N LEU A 281 -1.23 6.92 40.34
CA LEU A 281 -2.01 8.12 40.02
C LEU A 281 -1.58 9.32 40.86
N GLU A 282 -1.30 9.10 42.15
CA GLU A 282 -0.83 10.20 42.98
C GLU A 282 0.47 10.75 42.43
N LYS A 283 1.39 9.86 42.09
CA LYS A 283 2.68 10.25 41.57
C LYS A 283 2.57 10.93 40.20
N LEU A 284 1.62 10.50 39.38
CA LEU A 284 1.41 11.11 38.07
C LEU A 284 0.86 12.54 38.26
N HIS A 285 -0.10 12.65 39.16
CA HIS A 285 -0.68 13.92 39.56
C HIS A 285 0.41 14.90 40.01
N LEU A 286 1.29 14.45 40.91
CA LEU A 286 2.40 15.27 41.38
C LEU A 286 3.34 15.70 40.26
N LYS A 287 3.67 14.77 39.36
CA LYS A 287 4.61 15.10 38.28
C LYS A 287 3.99 16.12 37.32
N PHE A 288 2.73 15.92 36.95
CA PHE A 288 2.05 16.87 36.06
C PHE A 288 1.95 18.25 36.72
N ALA A 289 1.68 18.26 38.02
CA ALA A 289 1.41 19.50 38.75
C ALA A 289 2.59 20.46 38.75
N SER A 290 3.80 19.93 38.66
CA SER A 290 4.99 20.76 38.75
C SER A 290 5.73 20.98 37.43
N LEU A 291 5.10 20.63 36.31
CA LEU A 291 5.67 20.96 35.01
C LEU A 291 5.69 22.48 34.83
N LYS A 292 6.74 22.99 34.21
CA LYS A 292 6.85 24.44 34.01
C LYS A 292 6.19 24.86 32.70
N ILE A 293 5.20 25.73 32.82
CA ILE A 293 4.48 26.25 31.67
C ILE A 293 4.97 27.66 31.38
N GLY A 294 5.27 27.95 30.12
CA GLY A 294 5.73 29.29 29.77
C GLY A 294 6.26 29.42 28.37
N ASP A 295 7.09 30.43 28.17
CA ASP A 295 7.68 30.73 26.87
C ASP A 295 8.52 29.55 26.41
N PRO A 296 8.16 28.97 25.26
CA PRO A 296 8.90 27.78 24.80
C PRO A 296 10.35 28.06 24.41
N MET A 297 10.70 29.33 24.18
CA MET A 297 12.10 29.67 23.91
C MET A 297 13.00 29.54 25.15
N ALA A 298 12.41 29.60 26.35
CA ALA A 298 13.17 29.47 27.58
C ALA A 298 13.54 28.01 27.84
N PRO A 299 14.83 27.74 28.12
CA PRO A 299 15.27 26.34 28.24
C PRO A 299 14.63 25.56 29.40
N GLU A 300 14.11 26.27 30.39
CA GLU A 300 13.51 25.63 31.55
C GLU A 300 12.04 25.25 31.33
N THR A 301 11.45 25.73 30.23
CA THR A 301 10.04 25.46 29.96
C THR A 301 9.78 24.00 29.59
N ASP A 302 8.78 23.40 30.24
CA ASP A 302 8.31 22.07 29.86
C ASP A 302 7.17 22.15 28.85
N ILE A 303 6.22 23.05 29.11
CA ILE A 303 4.99 23.14 28.34
C ILE A 303 4.85 24.53 27.74
N GLY A 304 4.95 24.62 26.41
CA GLY A 304 4.60 25.84 25.69
C GLY A 304 3.12 25.86 25.34
N PRO A 305 2.70 26.82 24.52
CA PRO A 305 1.30 26.89 24.10
C PRO A 305 0.98 25.78 23.10
N LEU A 306 -0.28 25.42 22.99
CA LEU A 306 -0.72 24.59 21.87
C LEU A 306 -0.51 25.36 20.57
N ALA A 307 -0.48 24.66 19.45
CA ALA A 307 0.01 25.30 18.22
C ALA A 307 -0.96 26.30 17.62
N THR A 308 -2.26 26.08 17.80
CA THR A 308 -3.26 26.94 17.15
C THR A 308 -4.45 27.20 18.06
N GLU A 309 -5.20 28.26 17.75
CA GLU A 309 -6.41 28.54 18.52
C GLU A 309 -7.44 27.43 18.36
N GLY A 310 -7.47 26.82 17.17
CA GLY A 310 -8.37 25.72 16.91
C GLY A 310 -8.14 24.51 17.79
N ILE A 311 -6.88 24.14 17.97
CA ILE A 311 -6.55 23.03 18.86
C ILE A 311 -6.96 23.36 20.29
N LEU A 312 -6.68 24.59 20.72
CA LEU A 312 -7.07 25.05 22.04
C LEU A 312 -8.58 24.97 22.23
N GLN A 313 -9.34 25.44 21.24
CA GLN A 313 -10.80 25.38 21.32
C GLN A 313 -11.28 23.94 21.38
N ASP A 314 -10.69 23.09 20.56
CA ASP A 314 -11.10 21.69 20.50
C ASP A 314 -10.87 20.96 21.83
N ILE A 315 -9.66 21.03 22.38
CA ILE A 315 -9.41 20.33 23.64
C ILE A 315 -10.25 20.90 24.77
N SER A 316 -10.47 22.21 24.77
CA SER A 316 -11.27 22.84 25.82
C SER A 316 -12.69 22.29 25.79
N ARG A 317 -13.24 22.15 24.59
CA ARG A 317 -14.57 21.59 24.42
C ARG A 317 -14.62 20.11 24.81
N GLN A 318 -13.65 19.33 24.34
CA GLN A 318 -13.61 17.90 24.67
C GLN A 318 -13.60 17.69 26.18
N VAL A 319 -12.75 18.43 26.87
CA VAL A 319 -12.68 18.32 28.32
C VAL A 319 -13.96 18.80 28.98
N ASP A 320 -14.48 19.96 28.55
CA ASP A 320 -15.72 20.49 29.12
C ASP A 320 -16.88 19.51 28.99
N GLN A 321 -17.04 18.91 27.82
CA GLN A 321 -18.14 17.96 27.62
C GLN A 321 -17.96 16.68 28.42
N ALA A 322 -16.72 16.22 28.59
CA ALA A 322 -16.45 15.03 29.40
C ALA A 322 -16.81 15.29 30.86
N VAL A 323 -16.41 16.46 31.35
CA VAL A 323 -16.71 16.85 32.73
C VAL A 323 -18.21 17.01 32.94
N ALA A 324 -18.89 17.62 31.98
CA ALA A 324 -20.34 17.77 32.06
C ALA A 324 -21.05 16.42 32.12
N ALA A 325 -20.45 15.43 31.48
CA ALA A 325 -20.98 14.06 31.48
C ALA A 325 -20.73 13.32 32.80
N GLY A 326 -19.78 13.80 33.58
CA GLY A 326 -19.49 13.20 34.88
C GLY A 326 -18.03 12.91 35.17
N ALA A 327 -17.15 13.11 34.19
CA ALA A 327 -15.73 12.89 34.41
C ALA A 327 -15.22 13.86 35.47
N LYS A 328 -14.19 13.43 36.21
CA LYS A 328 -13.62 14.26 37.25
C LYS A 328 -12.27 14.83 36.82
N ILE A 329 -12.03 16.09 37.17
CA ILE A 329 -10.75 16.74 36.91
C ILE A 329 -9.88 16.61 38.14
N LEU A 330 -8.76 15.92 38.01
CA LEU A 330 -7.80 15.79 39.10
C LEU A 330 -6.83 16.97 39.08
N LEU A 331 -6.61 17.51 37.89
CA LEU A 331 -5.66 18.59 37.69
C LEU A 331 -5.98 19.31 36.37
N GLY A 332 -5.86 20.64 36.35
CA GLY A 332 -6.00 21.40 35.12
C GLY A 332 -7.43 21.55 34.64
N GLY A 333 -7.65 21.36 33.34
CA GLY A 333 -9.00 21.28 32.82
C GLY A 333 -9.65 22.55 32.31
N ARG A 334 -8.86 23.63 32.22
CA ARG A 334 -9.36 24.86 31.60
C ARG A 334 -8.19 25.66 31.03
N PRO A 335 -8.44 26.43 29.96
CA PRO A 335 -7.36 27.21 29.36
C PRO A 335 -6.77 28.21 30.35
N LEU A 336 -5.49 28.52 30.22
CA LEU A 336 -4.87 29.49 31.12
C LEU A 336 -5.26 30.90 30.74
N ASP A 337 -5.37 31.77 31.75
CA ASP A 337 -5.71 33.16 31.53
C ASP A 337 -4.47 33.96 31.20
N ARG A 338 -4.01 33.84 29.96
CA ARG A 338 -2.81 34.55 29.52
C ARG A 338 -2.76 34.59 28.00
N ALA A 339 -1.88 35.44 27.48
CA ALA A 339 -1.65 35.52 26.04
C ALA A 339 -1.09 34.21 25.52
N GLY A 340 -1.49 33.84 24.32
CA GLY A 340 -1.03 32.60 23.72
C GLY A 340 -1.98 31.46 23.98
N TYR A 341 -1.87 30.39 23.20
CA TYR A 341 -2.84 29.31 23.23
C TYR A 341 -2.53 28.26 24.31
N PHE A 342 -2.43 28.70 25.56
CA PHE A 342 -1.97 27.85 26.65
C PHE A 342 -3.09 27.02 27.26
N TYR A 343 -2.82 25.71 27.37
CA TYR A 343 -3.69 24.77 28.09
C TYR A 343 -2.80 23.96 29.02
N PRO A 344 -3.20 23.83 30.29
CA PRO A 344 -2.32 23.20 31.29
C PRO A 344 -2.36 21.69 31.27
N PRO A 345 -1.30 21.03 31.74
CA PRO A 345 -1.35 19.59 31.99
C PRO A 345 -2.60 19.24 32.78
N THR A 346 -3.32 18.23 32.32
CA THR A 346 -4.63 17.90 32.84
C THR A 346 -4.76 16.40 33.02
N ILE A 347 -5.45 15.99 34.09
CA ILE A 347 -5.73 14.57 34.31
C ILE A 347 -7.21 14.40 34.55
N LEU A 348 -7.84 13.52 33.76
CA LEU A 348 -9.25 13.18 33.91
C LEU A 348 -9.40 11.75 34.40
N THR A 349 -10.29 11.56 35.37
CA THR A 349 -10.56 10.25 35.94
C THR A 349 -12.06 10.01 35.95
N GLU A 350 -12.45 8.77 36.22
CA GLU A 350 -13.86 8.40 36.40
C GLU A 350 -14.71 8.83 35.21
N ILE A 351 -14.17 8.63 34.01
CA ILE A 351 -14.90 9.01 32.81
C ILE A 351 -16.04 8.02 32.58
N PRO A 352 -17.27 8.55 32.46
CA PRO A 352 -18.44 7.68 32.29
C PRO A 352 -18.38 6.80 31.04
N PRO A 353 -18.85 5.55 31.16
CA PRO A 353 -18.98 4.65 30.02
C PRO A 353 -19.76 5.32 28.91
N GLY A 354 -19.30 5.21 27.67
CA GLY A 354 -20.02 5.79 26.54
C GLY A 354 -19.80 7.27 26.30
N ALA A 355 -18.99 7.92 27.13
CA ALA A 355 -18.59 9.29 26.87
C ALA A 355 -17.82 9.32 25.55
N LYS A 356 -18.15 10.27 24.69
CA LYS A 356 -17.52 10.38 23.37
C LYS A 356 -16.00 10.48 23.46
N ILE A 357 -15.51 11.14 24.51
CA ILE A 357 -14.08 11.42 24.63
C ILE A 357 -13.25 10.14 24.66
N LEU A 358 -13.85 9.05 25.13
CA LEU A 358 -13.17 7.77 25.24
C LEU A 358 -12.68 7.28 23.88
N GLN A 359 -13.32 7.76 22.82
CA GLN A 359 -13.03 7.30 21.46
C GLN A 359 -12.26 8.33 20.64
N GLU A 360 -11.87 9.43 21.27
CA GLU A 360 -11.25 10.55 20.57
C GLU A 360 -9.78 10.71 20.91
N GLU A 361 -9.05 11.37 20.01
CA GLU A 361 -7.66 11.71 20.26
C GLU A 361 -7.58 13.03 21.01
N LEU A 362 -6.85 13.02 22.12
CA LEU A 362 -6.62 14.24 22.89
C LEU A 362 -5.23 14.78 22.55
N PHE A 363 -5.21 15.80 21.69
CA PHE A 363 -3.98 16.29 21.09
C PHE A 363 -3.53 17.52 21.89
N ALA A 364 -3.16 17.27 23.14
CA ALA A 364 -2.91 18.29 24.15
C ALA A 364 -2.47 17.51 25.38
N PRO A 365 -1.92 18.18 26.40
CA PRO A 365 -1.36 17.40 27.52
C PRO A 365 -2.42 16.98 28.54
N VAL A 366 -3.36 16.16 28.07
CA VAL A 366 -4.52 15.77 28.86
C VAL A 366 -4.57 14.25 28.94
N ALA A 367 -4.35 13.71 30.14
CA ALA A 367 -4.33 12.27 30.33
C ALA A 367 -5.68 11.76 30.79
N MET A 368 -6.19 10.70 30.15
CA MET A 368 -7.33 9.96 30.65
C MET A 368 -6.81 8.79 31.48
N VAL A 369 -7.37 8.55 32.66
CA VAL A 369 -6.89 7.48 33.54
C VAL A 369 -7.99 6.48 33.82
N PHE A 370 -7.64 5.20 33.79
CA PHE A 370 -8.56 4.10 34.01
C PHE A 370 -7.93 3.10 34.97
N THR A 371 -8.78 2.37 35.69
CA THR A 371 -8.31 1.28 36.54
C THR A 371 -8.87 -0.05 36.04
N VAL A 372 -8.02 -1.08 36.04
CA VAL A 372 -8.44 -2.42 35.61
C VAL A 372 -8.02 -3.46 36.65
N LYS A 373 -8.64 -4.65 36.57
CA LYS A 373 -8.46 -5.68 37.60
C LYS A 373 -7.52 -6.80 37.20
N ASP A 374 -7.32 -6.99 35.90
CA ASP A 374 -6.46 -8.08 35.43
C ASP A 374 -6.01 -7.84 34.01
N LEU A 375 -5.20 -8.77 33.52
CA LEU A 375 -4.60 -8.69 32.19
C LEU A 375 -5.63 -8.64 31.05
N ASP A 376 -6.64 -9.50 31.10
CA ASP A 376 -7.65 -9.54 30.05
C ASP A 376 -8.36 -8.18 29.96
N GLN A 377 -8.69 -7.61 31.11
CA GLN A 377 -9.40 -6.33 31.13
C GLN A 377 -8.51 -5.21 30.61
N ALA A 378 -7.22 -5.27 30.94
CA ALA A 378 -6.27 -4.26 30.46
C ALA A 378 -6.17 -4.27 28.94
N ILE A 379 -6.05 -5.45 28.36
CA ILE A 379 -5.93 -5.58 26.92
C ILE A 379 -7.22 -5.16 26.22
N ALA A 380 -8.37 -5.59 26.74
CA ALA A 380 -9.64 -5.20 26.14
C ALA A 380 -9.81 -3.68 26.13
N LEU A 381 -9.49 -3.03 27.25
CA LEU A 381 -9.65 -1.59 27.33
C LEU A 381 -8.64 -0.89 26.43
N ALA A 382 -7.42 -1.39 26.43
CA ALA A 382 -6.36 -0.82 25.59
C ALA A 382 -6.77 -0.81 24.11
N ASN A 383 -7.44 -1.86 23.68
CA ASN A 383 -7.82 -2.01 22.28
C ASN A 383 -9.18 -1.41 21.92
N ASP A 384 -9.91 -0.92 22.92
CA ASP A 384 -11.29 -0.45 22.73
C ASP A 384 -11.33 0.99 22.21
N ILE A 385 -10.68 1.19 21.05
CA ILE A 385 -10.59 2.48 20.40
C ILE A 385 -10.57 2.25 18.89
N PRO A 386 -10.86 3.29 18.11
CA PRO A 386 -10.80 3.10 16.66
C PRO A 386 -9.36 3.12 16.15
N PHE A 387 -8.45 3.66 16.94
CA PHE A 387 -7.06 3.83 16.53
C PHE A 387 -6.23 2.60 16.88
N GLY A 388 -4.99 2.61 16.42
CA GLY A 388 -4.08 1.50 16.71
C GLY A 388 -2.66 1.82 16.31
N LEU A 389 -2.12 2.91 16.86
CA LEU A 389 -0.80 3.36 16.47
C LEU A 389 0.28 2.73 17.36
N GLY A 390 0.46 3.25 18.57
CA GLY A 390 1.41 2.67 19.49
C GLY A 390 0.77 2.17 20.78
N ALA A 391 1.56 1.48 21.58
CA ALA A 391 1.10 0.99 22.88
C ALA A 391 2.31 0.77 23.76
N SER A 392 2.19 1.16 25.03
CA SER A 392 3.27 0.94 26.01
C SER A 392 2.72 0.16 27.20
N ALA A 393 3.46 -0.85 27.66
CA ALA A 393 3.04 -1.64 28.81
C ALA A 393 4.21 -1.91 29.74
N TRP A 394 3.93 -1.83 31.05
CA TRP A 394 4.95 -1.88 32.08
C TRP A 394 4.70 -3.06 33.00
N THR A 395 5.61 -4.03 32.95
CA THR A 395 5.51 -5.26 33.71
C THR A 395 6.82 -5.98 33.58
N ASN A 396 7.18 -6.71 34.63
CA ASN A 396 8.39 -7.51 34.60
C ASN A 396 8.11 -9.01 34.68
N ASP A 397 6.85 -9.36 34.45
CA ASP A 397 6.44 -10.76 34.34
C ASP A 397 6.54 -11.16 32.86
N PRO A 398 7.40 -12.14 32.55
CA PRO A 398 7.59 -12.50 31.13
C PRO A 398 6.30 -12.93 30.43
N ALA A 399 5.42 -13.65 31.12
CA ALA A 399 4.18 -14.11 30.50
C ALA A 399 3.26 -12.94 30.17
N GLU A 400 3.17 -11.96 31.08
CA GLU A 400 2.42 -10.74 30.80
C GLU A 400 3.04 -9.98 29.62
N GLN A 401 4.36 -9.85 29.62
CA GLN A 401 5.04 -9.15 28.53
C GLN A 401 4.67 -9.74 27.18
N GLN A 402 4.70 -11.06 27.09
CA GLN A 402 4.37 -11.72 25.82
C GLN A 402 2.92 -11.53 25.42
N ARG A 403 2.00 -11.58 26.37
CA ARG A 403 0.60 -11.34 26.05
C ARG A 403 0.37 -9.91 25.58
N PHE A 404 1.00 -8.94 26.22
CA PHE A 404 0.89 -7.55 25.78
C PHE A 404 1.44 -7.39 24.36
N ILE A 405 2.64 -7.92 24.12
CA ILE A 405 3.25 -7.87 22.78
C ILE A 405 2.33 -8.48 21.73
N GLN A 406 1.77 -9.64 22.04
CA GLN A 406 0.98 -10.36 21.06
C GLN A 406 -0.41 -9.76 20.84
N GLU A 407 -1.02 -9.26 21.90
CA GLU A 407 -2.45 -8.96 21.86
C GLU A 407 -2.84 -7.49 21.81
N LEU A 408 -1.91 -6.58 22.09
CA LEU A 408 -2.22 -5.16 21.91
C LEU A 408 -2.32 -4.86 20.41
N ASP A 409 -3.45 -4.27 20.02
CA ASP A 409 -3.75 -4.03 18.61
C ASP A 409 -3.17 -2.70 18.17
N ALA A 410 -1.87 -2.71 17.87
CA ALA A 410 -1.15 -1.49 17.54
C ALA A 410 -0.03 -1.81 16.58
N GLY A 411 0.46 -0.80 15.88
CA GLY A 411 1.62 -0.98 15.02
C GLY A 411 2.94 -1.08 15.78
N ALA A 412 2.95 -0.67 17.04
CA ALA A 412 4.16 -0.75 17.85
C ALA A 412 3.81 -1.04 19.29
N VAL A 413 4.54 -1.97 19.91
CA VAL A 413 4.37 -2.26 21.32
C VAL A 413 5.72 -2.13 22.02
N PHE A 414 5.78 -1.24 22.99
CA PHE A 414 6.97 -1.03 23.80
C PHE A 414 6.74 -1.55 25.21
N ILE A 415 7.65 -2.39 25.68
CA ILE A 415 7.57 -2.94 27.03
C ILE A 415 8.62 -2.26 27.92
N ASN A 416 8.15 -1.63 29.00
CA ASN A 416 9.00 -0.93 29.96
C ASN A 416 9.76 0.24 29.34
N GLY A 417 9.12 0.88 28.36
CA GLY A 417 9.61 2.13 27.80
C GLY A 417 8.48 2.84 27.09
N MET A 418 8.64 4.13 26.84
CA MET A 418 7.67 4.86 26.04
C MET A 418 7.88 4.58 24.56
N VAL A 419 6.78 4.59 23.80
CA VAL A 419 6.87 4.46 22.36
C VAL A 419 7.66 5.64 21.80
N LYS A 420 8.60 5.34 20.91
CA LYS A 420 9.39 6.36 20.22
C LYS A 420 9.59 5.89 18.80
N SER A 421 9.78 6.83 17.88
CA SER A 421 10.23 6.46 16.55
C SER A 421 11.75 6.46 16.50
N ASP A 422 12.30 5.58 15.65
CA ASP A 422 13.73 5.34 15.57
C ASP A 422 13.96 4.96 14.11
N PRO A 423 14.88 5.65 13.40
CA PRO A 423 15.09 5.30 11.99
C PRO A 423 15.40 3.82 11.74
N ARG A 424 15.92 3.13 12.74
CA ARG A 424 16.33 1.74 12.58
C ARG A 424 15.17 0.75 12.53
N LEU A 425 13.98 1.18 12.93
CA LEU A 425 12.82 0.29 13.07
C LEU A 425 11.63 0.89 12.34
N PRO A 426 10.87 0.07 11.60
CA PRO A 426 9.71 0.63 10.89
C PRO A 426 8.66 1.20 11.84
N PHE A 427 7.84 2.11 11.34
CA PHE A 427 6.90 2.87 12.14
C PHE A 427 5.62 3.12 11.36
N GLY A 428 4.49 2.73 11.92
CA GLY A 428 3.21 3.03 11.33
C GLY A 428 2.06 2.45 12.11
N GLY A 429 0.85 2.73 11.63
CA GLY A 429 -0.36 2.38 12.35
C GLY A 429 -1.15 1.22 11.80
N THR A 430 -2.18 0.85 12.54
CA THR A 430 -3.18 -0.11 12.10
C THR A 430 -4.54 0.49 12.42
N LYS A 431 -5.59 -0.21 12.02
CA LYS A 431 -6.94 0.26 12.26
C LYS A 431 -7.08 1.69 11.69
N ARG A 432 -7.70 2.61 12.41
CA ARG A 432 -7.91 3.94 11.85
C ARG A 432 -6.68 4.83 11.98
N SER A 433 -5.57 4.28 12.49
CA SER A 433 -4.32 5.04 12.56
C SER A 433 -3.55 5.00 11.25
N GLY A 434 -4.05 4.26 10.27
CA GLY A 434 -3.43 4.23 8.95
C GLY A 434 -2.89 2.89 8.54
N TYR A 435 -1.99 2.93 7.57
CA TYR A 435 -1.39 1.72 6.99
C TYR A 435 -0.10 2.10 6.29
N GLY A 436 0.74 1.12 6.06
CA GLY A 436 2.05 1.37 5.50
C GLY A 436 3.03 1.68 6.62
N ARG A 437 4.32 1.59 6.30
CA ARG A 437 5.37 1.79 7.30
C ARG A 437 6.45 2.74 6.78
N GLU A 438 6.84 3.69 7.63
CA GLU A 438 7.99 4.53 7.38
C GLU A 438 9.17 3.94 8.16
N LEU A 439 10.37 4.43 7.85
CA LEU A 439 11.60 4.07 8.58
C LEU A 439 12.05 2.62 8.36
N GLY A 440 13.23 2.27 8.87
CA GLY A 440 13.80 0.97 8.59
C GLY A 440 13.89 0.68 7.10
N LEU A 441 13.83 -0.60 6.76
CA LEU A 441 13.81 -1.01 5.37
C LEU A 441 12.52 -0.53 4.69
N ALA A 442 11.42 -0.61 5.42
CA ALA A 442 10.11 -0.28 4.88
C ALA A 442 10.05 1.11 4.24
N GLY A 443 10.67 2.10 4.90
CA GLY A 443 10.58 3.47 4.43
C GLY A 443 11.09 3.68 3.02
N ILE A 444 12.09 2.90 2.62
CA ILE A 444 12.65 3.07 1.28
C ILE A 444 12.06 2.10 0.27
N ARG A 445 11.27 1.15 0.75
CA ARG A 445 10.62 0.18 -0.15
C ARG A 445 9.20 0.57 -0.54
N THR A 446 8.60 1.51 0.16
CA THR A 446 7.18 1.82 -0.05
C THR A 446 6.86 2.35 -1.44
N PHE A 447 7.63 3.33 -1.88
CA PHE A 447 7.32 4.03 -3.12
C PHE A 447 8.38 3.78 -4.20
N VAL A 448 8.67 2.52 -4.42
CA VAL A 448 9.50 2.10 -5.53
C VAL A 448 8.76 1.05 -6.33
N ASN A 449 9.14 0.93 -7.60
CA ASN A 449 8.76 -0.19 -8.44
C ASN A 449 9.66 -1.37 -8.11
N ALA A 450 9.10 -2.38 -7.46
CA ALA A 450 9.79 -3.66 -7.31
C ALA A 450 9.59 -4.39 -8.63
N LYS A 451 10.61 -4.32 -9.47
CA LYS A 451 10.56 -4.85 -10.84
C LYS A 451 11.12 -6.27 -10.86
N THR A 452 10.30 -7.24 -11.22
CA THR A 452 10.79 -8.60 -11.40
C THR A 452 11.47 -8.73 -12.75
N VAL A 453 12.66 -9.31 -12.74
CA VAL A 453 13.43 -9.49 -13.97
C VAL A 453 13.71 -10.98 -14.17
N TRP A 454 13.50 -11.44 -15.40
CA TRP A 454 13.75 -12.84 -15.75
C TRP A 454 14.53 -12.85 -17.05
N LEU A 455 15.72 -13.42 -17.03
CA LEU A 455 16.59 -13.45 -18.19
C LEU A 455 16.89 -14.90 -18.55
N LYS A 456 16.51 -15.30 -19.76
CA LYS A 456 16.70 -16.69 -20.18
C LYS A 456 18.15 -17.13 -20.05
N ILE B 5 -26.11 -12.79 -11.71
CA ILE B 5 -25.19 -13.86 -11.37
C ILE B 5 -25.67 -15.17 -11.98
N ALA B 6 -24.90 -15.70 -12.92
CA ALA B 6 -25.35 -16.83 -13.72
C ALA B 6 -24.20 -17.50 -14.45
N THR B 7 -24.34 -18.79 -14.66
CA THR B 7 -23.50 -19.50 -15.60
C THR B 7 -24.12 -19.38 -16.98
N ILE B 8 -23.44 -18.67 -17.87
CA ILE B 8 -23.84 -18.63 -19.28
C ILE B 8 -22.67 -19.14 -20.11
N ASN B 9 -22.85 -20.29 -20.74
CA ASN B 9 -21.79 -20.96 -21.48
C ASN B 9 -21.42 -20.15 -22.71
N PRO B 10 -20.19 -19.60 -22.78
CA PRO B 10 -19.85 -18.72 -23.91
C PRO B 10 -19.62 -19.47 -25.23
N THR B 11 -19.54 -20.80 -25.18
CA THR B 11 -19.41 -21.58 -26.40
C THR B 11 -20.75 -21.71 -27.13
N THR B 12 -21.84 -21.73 -26.37
CA THR B 12 -23.18 -21.90 -26.93
C THR B 12 -24.07 -20.68 -26.74
N GLY B 13 -23.73 -19.83 -25.77
CA GLY B 13 -24.55 -18.67 -25.44
C GLY B 13 -25.72 -19.02 -24.52
N GLU B 14 -25.80 -20.27 -24.11
CA GLU B 14 -26.93 -20.77 -23.32
C GLU B 14 -26.80 -20.43 -21.83
N ILE B 15 -27.93 -20.04 -21.23
CA ILE B 15 -27.99 -19.81 -19.80
C ILE B 15 -28.16 -21.16 -19.10
N CYS B 16 -27.18 -21.53 -18.29
CA CYS B 16 -27.16 -22.85 -17.67
C CYS B 16 -27.74 -22.88 -16.26
N GLN B 17 -27.42 -21.87 -15.48
CA GLN B 17 -27.88 -21.80 -14.09
C GLN B 17 -27.85 -20.37 -13.59
N ARG B 18 -28.89 -19.99 -12.85
CA ARG B 18 -28.94 -18.67 -12.24
C ARG B 18 -28.82 -18.80 -10.73
N PHE B 19 -28.28 -17.76 -10.10
CA PHE B 19 -28.06 -17.75 -8.66
C PHE B 19 -28.65 -16.50 -8.06
N LYS B 20 -29.23 -16.64 -6.87
CA LYS B 20 -29.74 -15.50 -6.14
C LYS B 20 -28.58 -14.77 -5.48
N ALA B 21 -28.53 -13.45 -5.65
CA ALA B 21 -27.54 -12.63 -4.96
C ALA B 21 -27.88 -12.58 -3.47
N LEU B 22 -26.85 -12.52 -2.64
CA LEU B 22 -27.06 -12.28 -1.21
C LEU B 22 -27.73 -10.93 -0.97
N THR B 23 -28.54 -10.86 0.06
CA THR B 23 -29.06 -9.57 0.52
C THR B 23 -28.04 -8.92 1.45
N PRO B 24 -28.18 -7.59 1.66
CA PRO B 24 -27.34 -6.91 2.65
C PRO B 24 -27.35 -7.58 4.03
N ALA B 25 -28.50 -8.07 4.48
CA ALA B 25 -28.53 -8.77 5.76
C ALA B 25 -27.71 -10.07 5.73
N GLU B 26 -27.76 -10.77 4.60
CA GLU B 26 -26.97 -11.99 4.45
C GLU B 26 -25.47 -11.69 4.39
N ILE B 27 -25.10 -10.60 3.73
CA ILE B 27 -23.71 -10.17 3.68
C ILE B 27 -23.23 -9.85 5.09
N ASP B 28 -24.05 -9.13 5.84
CA ASP B 28 -23.73 -8.78 7.22
C ASP B 28 -23.49 -10.03 8.08
N ALA B 29 -24.34 -11.04 7.92
CA ALA B 29 -24.20 -12.28 8.67
C ALA B 29 -22.90 -12.99 8.32
N LYS B 30 -22.54 -12.97 7.04
CA LYS B 30 -21.26 -13.55 6.63
C LYS B 30 -20.08 -12.81 7.24
N LEU B 31 -20.15 -11.49 7.32
CA LEU B 31 -19.08 -10.71 7.93
C LEU B 31 -18.98 -10.95 9.44
N ALA B 32 -20.13 -11.08 10.10
CA ALA B 32 -20.14 -11.41 11.52
C ALA B 32 -19.47 -12.77 11.74
N LYS B 33 -19.79 -13.73 10.87
CA LYS B 33 -19.19 -15.07 11.02
C LYS B 33 -17.68 -15.03 10.73
N ALA B 34 -17.28 -14.25 9.73
CA ALA B 34 -15.86 -14.10 9.44
C ALA B 34 -15.10 -13.50 10.63
N GLN B 35 -15.69 -12.52 11.29
CA GLN B 35 -15.07 -11.91 12.45
C GLN B 35 -14.88 -12.91 13.59
N GLU B 36 -15.92 -13.68 13.88
CA GLU B 36 -15.82 -14.71 14.90
C GLU B 36 -14.77 -15.76 14.51
N ALA B 37 -14.79 -16.18 13.25
CA ALA B 37 -13.81 -17.17 12.79
C ALA B 37 -12.39 -16.62 12.92
N PHE B 38 -12.20 -15.35 12.58
CA PHE B 38 -10.88 -14.73 12.68
C PHE B 38 -10.33 -14.76 14.10
N GLN B 39 -11.18 -14.53 15.09
CA GLN B 39 -10.72 -14.48 16.48
C GLN B 39 -10.09 -15.80 16.90
N ALA B 40 -10.62 -16.91 16.38
CA ALA B 40 -10.03 -18.21 16.64
C ALA B 40 -8.90 -18.53 15.67
N TYR B 41 -9.08 -18.19 14.41
CA TYR B 41 -8.13 -18.58 13.36
C TYR B 41 -6.77 -17.93 13.55
N ARG B 42 -6.76 -16.69 14.05
CA ARG B 42 -5.51 -15.98 14.29
C ARG B 42 -4.66 -16.68 15.35
N ARG B 43 -5.29 -17.55 16.14
CA ARG B 43 -4.59 -18.28 17.19
C ARG B 43 -4.12 -19.67 16.75
N THR B 44 -4.50 -20.09 15.54
CA THR B 44 -4.05 -21.38 15.04
C THR B 44 -2.54 -21.38 14.78
N SER B 45 -1.94 -22.55 14.86
CA SER B 45 -0.53 -22.69 14.56
C SER B 45 -0.29 -22.72 13.07
N PHE B 46 0.92 -22.36 12.67
CA PHE B 46 1.32 -22.53 11.28
C PHE B 46 1.18 -23.98 10.82
N SER B 47 1.39 -24.93 11.72
CA SER B 47 1.26 -26.34 11.34
C SER B 47 -0.16 -26.69 10.87
N GLN B 48 -1.17 -26.16 11.56
CA GLN B 48 -2.56 -26.38 11.16
C GLN B 48 -2.84 -25.71 9.82
N ARG B 49 -2.45 -24.44 9.68
CA ARG B 49 -2.68 -23.71 8.43
C ARG B 49 -2.00 -24.41 7.27
N ARG B 50 -0.77 -24.87 7.50
CA ARG B 50 -0.01 -25.57 6.49
C ARG B 50 -0.69 -26.88 6.07
N GLN B 51 -1.20 -27.63 7.04
CA GLN B 51 -1.93 -28.86 6.75
C GLN B 51 -3.13 -28.59 5.84
N TRP B 52 -3.92 -27.58 6.20
CA TRP B 52 -5.12 -27.28 5.43
C TRP B 52 -4.76 -26.78 4.03
N LEU B 53 -3.72 -25.97 3.92
CA LEU B 53 -3.27 -25.48 2.63
C LEU B 53 -2.76 -26.61 1.74
N GLU B 54 -2.00 -27.52 2.33
CA GLU B 54 -1.49 -28.67 1.57
C GLU B 54 -2.63 -29.62 1.18
N ASN B 55 -3.63 -29.75 2.04
CA ASN B 55 -4.82 -30.52 1.69
C ASN B 55 -5.55 -29.91 0.49
N ALA B 56 -5.65 -28.59 0.46
CA ALA B 56 -6.25 -27.89 -0.67
C ALA B 56 -5.47 -28.15 -1.96
N ALA B 57 -4.14 -28.08 -1.87
CA ALA B 57 -3.29 -28.41 -3.02
C ALA B 57 -3.57 -29.82 -3.52
N ALA B 58 -3.65 -30.78 -2.59
CA ALA B 58 -3.90 -32.18 -2.98
C ALA B 58 -5.27 -32.36 -3.64
N ILE B 59 -6.28 -31.64 -3.18
CA ILE B 59 -7.59 -31.68 -3.81
C ILE B 59 -7.53 -31.14 -5.24
N LEU B 60 -6.86 -30.00 -5.42
CA LEU B 60 -6.67 -29.43 -6.74
C LEU B 60 -5.89 -30.37 -7.65
N GLU B 61 -4.87 -31.03 -7.10
CA GLU B 61 -4.04 -31.94 -7.88
C GLU B 61 -4.75 -33.22 -8.28
N ARG B 62 -5.71 -33.66 -7.47
CA ARG B 62 -6.44 -34.89 -7.79
C ARG B 62 -7.55 -34.65 -8.81
N ASP B 63 -8.32 -33.59 -8.61
CA ASP B 63 -9.53 -33.37 -9.40
C ASP B 63 -9.36 -32.25 -10.43
N THR B 64 -8.15 -32.12 -10.96
CA THR B 64 -7.80 -31.07 -11.90
C THR B 64 -8.76 -30.99 -13.09
N SER B 65 -9.06 -32.14 -13.68
CA SER B 65 -9.90 -32.16 -14.88
C SER B 65 -11.33 -31.70 -14.58
N LYS B 66 -11.85 -32.11 -13.43
CA LYS B 66 -13.18 -31.69 -13.04
C LYS B 66 -13.27 -30.18 -12.80
N PHE B 67 -12.30 -29.63 -12.07
CA PHE B 67 -12.30 -28.20 -11.80
C PHE B 67 -12.12 -27.43 -13.12
N ALA B 68 -11.25 -27.94 -13.98
CA ALA B 68 -11.05 -27.35 -15.30
C ALA B 68 -12.33 -27.29 -16.12
N GLU B 69 -13.15 -28.34 -16.04
CA GLU B 69 -14.41 -28.35 -16.77
C GLU B 69 -15.34 -27.23 -16.31
N ILE B 70 -15.32 -26.93 -15.01
CA ILE B 70 -16.15 -25.83 -14.51
C ILE B 70 -15.68 -24.52 -15.11
N MET B 71 -14.37 -24.27 -15.07
CA MET B 71 -13.80 -23.05 -15.65
C MET B 71 -14.18 -22.91 -17.13
N THR B 72 -13.98 -23.98 -17.89
CA THR B 72 -14.25 -23.95 -19.33
C THR B 72 -15.73 -23.70 -19.61
N THR B 73 -16.59 -24.38 -18.88
CA THR B 73 -18.02 -24.22 -19.06
C THR B 73 -18.46 -22.78 -18.81
N GLU B 74 -17.94 -22.17 -17.74
CA GLU B 74 -18.39 -20.84 -17.36
C GLU B 74 -17.76 -19.72 -18.17
N MET B 75 -16.48 -19.84 -18.51
CA MET B 75 -15.81 -18.69 -19.13
C MET B 75 -14.99 -18.97 -20.37
N GLY B 76 -15.02 -20.21 -20.85
CA GLY B 76 -14.58 -20.52 -22.21
C GLY B 76 -13.10 -20.75 -22.50
N LYS B 77 -12.25 -20.69 -21.49
CA LYS B 77 -10.83 -21.00 -21.73
C LYS B 77 -10.71 -22.50 -22.04
N THR B 78 -9.67 -22.89 -22.76
CA THR B 78 -9.57 -24.29 -23.15
C THR B 78 -9.44 -25.15 -21.90
N HIS B 79 -10.02 -26.35 -21.97
CA HIS B 79 -9.96 -27.30 -20.86
C HIS B 79 -8.50 -27.60 -20.49
N GLN B 80 -7.65 -27.76 -21.50
CA GLN B 80 -6.25 -28.03 -21.23
C GLN B 80 -5.57 -26.88 -20.48
N SER B 81 -5.88 -25.64 -20.83
CA SER B 81 -5.30 -24.51 -20.12
C SER B 81 -5.92 -24.36 -18.74
N ALA B 82 -7.18 -24.77 -18.59
CA ALA B 82 -7.83 -24.76 -17.28
C ALA B 82 -7.22 -25.84 -16.35
N ILE B 83 -6.79 -26.96 -16.93
CA ILE B 83 -6.07 -27.97 -16.15
C ILE B 83 -4.77 -27.36 -15.63
N ALA B 84 -4.05 -26.68 -16.51
CA ALA B 84 -2.82 -26.01 -16.09
C ALA B 84 -3.11 -24.99 -14.99
N GLU B 85 -4.24 -24.29 -15.09
CA GLU B 85 -4.59 -23.29 -14.10
C GLU B 85 -4.85 -23.92 -12.72
N ALA B 86 -5.52 -25.08 -12.71
CA ALA B 86 -5.74 -25.79 -11.46
C ALA B 86 -4.41 -26.26 -10.87
N GLU B 87 -3.50 -26.70 -11.72
CA GLU B 87 -2.18 -27.13 -11.27
C GLU B 87 -1.41 -25.97 -10.65
N LYS B 88 -1.48 -24.81 -11.29
CA LYS B 88 -0.77 -23.64 -10.79
C LYS B 88 -1.37 -23.15 -9.48
N SER B 89 -2.69 -23.29 -9.33
CA SER B 89 -3.37 -22.99 -8.08
C SER B 89 -2.85 -23.88 -6.95
N ALA B 90 -2.67 -25.17 -7.22
CA ALA B 90 -2.07 -26.06 -6.23
C ALA B 90 -0.65 -25.61 -5.89
N LEU B 91 0.11 -25.20 -6.90
CA LEU B 91 1.50 -24.77 -6.69
C LEU B 91 1.60 -23.58 -5.73
N VAL B 92 0.72 -22.59 -5.86
CA VAL B 92 0.84 -21.43 -4.97
C VAL B 92 0.41 -21.79 -3.53
N CYS B 93 -0.54 -22.71 -3.40
CA CYS B 93 -0.88 -23.24 -2.08
C CYS B 93 0.35 -23.89 -1.46
N ARG B 94 1.03 -24.74 -2.21
CA ARG B 94 2.24 -25.38 -1.69
C ARG B 94 3.35 -24.38 -1.40
N TYR B 95 3.49 -23.35 -2.24
CA TYR B 95 4.52 -22.34 -2.02
C TYR B 95 4.37 -21.67 -0.65
N TYR B 96 3.17 -21.23 -0.31
CA TYR B 96 2.99 -20.58 0.98
C TYR B 96 2.97 -21.56 2.16
N ALA B 97 2.55 -22.79 1.92
CA ALA B 97 2.68 -23.84 2.94
C ALA B 97 4.15 -24.02 3.27
N GLU B 98 4.99 -24.01 2.23
CA GLU B 98 6.41 -24.32 2.40
C GLU B 98 7.26 -23.16 2.91
N HIS B 99 6.83 -21.92 2.66
CA HIS B 99 7.64 -20.75 2.98
C HIS B 99 7.00 -19.74 3.92
N GLY B 100 5.69 -19.83 4.09
CA GLY B 100 4.95 -18.79 4.79
C GLY B 100 5.40 -18.51 6.22
N GLU B 101 5.65 -19.55 7.00
CA GLU B 101 6.09 -19.34 8.38
C GLU B 101 7.42 -18.60 8.42
N GLN B 102 8.38 -19.04 7.61
CA GLN B 102 9.68 -18.39 7.52
C GLN B 102 9.53 -16.94 7.08
N PHE B 103 8.66 -16.71 6.11
CA PHE B 103 8.44 -15.38 5.56
C PHE B 103 7.82 -14.44 6.60
N LEU B 104 7.18 -14.99 7.62
CA LEU B 104 6.54 -14.19 8.67
C LEU B 104 7.29 -14.20 10.01
N ALA B 105 8.47 -14.81 10.04
CA ALA B 105 9.28 -14.89 11.25
C ALA B 105 9.72 -13.50 11.74
N ASN B 106 9.90 -13.38 13.06
CA ASN B 106 10.41 -12.14 13.63
C ASN B 106 11.71 -11.74 12.97
N GLU B 107 11.86 -10.45 12.70
CA GLU B 107 13.12 -9.91 12.20
C GLU B 107 13.72 -8.97 13.24
N TYR B 108 14.86 -9.38 13.79
CA TYR B 108 15.48 -8.63 14.90
C TYR B 108 16.41 -7.56 14.37
N THR B 109 16.38 -6.40 15.01
CA THR B 109 17.28 -5.29 14.69
C THR B 109 17.93 -4.86 15.99
N GLU B 110 19.26 -4.74 15.97
CA GLU B 110 19.99 -4.40 17.18
C GLU B 110 19.82 -2.93 17.58
N THR B 111 19.38 -2.71 18.82
CA THR B 111 19.29 -1.38 19.40
C THR B 111 19.72 -1.53 20.84
N GLN B 112 19.50 -0.50 21.66
CA GLN B 112 19.83 -0.62 23.07
C GLN B 112 18.77 -1.40 23.86
N ALA B 113 17.68 -1.76 23.20
CA ALA B 113 16.69 -2.65 23.81
C ALA B 113 17.31 -4.01 24.07
N THR B 114 16.81 -4.70 25.09
CA THR B 114 17.15 -6.11 25.28
C THR B 114 16.67 -6.89 24.07
N GLU B 115 15.48 -6.55 23.59
CA GLU B 115 14.90 -7.15 22.39
C GLU B 115 14.25 -6.07 21.56
N SER B 116 14.60 -6.00 20.28
CA SER B 116 13.84 -5.16 19.36
C SER B 116 13.69 -5.86 18.03
N TYR B 117 12.47 -5.90 17.53
CA TYR B 117 12.19 -6.65 16.32
C TYR B 117 10.89 -6.23 15.69
N VAL B 118 10.67 -6.70 14.47
CA VAL B 118 9.36 -6.62 13.84
C VAL B 118 8.77 -8.02 13.81
N CYS B 119 7.51 -8.13 14.22
CA CYS B 119 6.77 -9.37 14.04
C CYS B 119 5.62 -9.10 13.11
N TYR B 120 4.97 -10.17 12.64
CA TYR B 120 3.98 -10.04 11.59
C TYR B 120 2.70 -10.74 12.03
N GLN B 121 1.62 -9.97 12.10
CA GLN B 121 0.35 -10.49 12.57
C GLN B 121 -0.75 -10.17 11.58
N PRO B 122 -1.76 -11.05 11.47
CA PRO B 122 -2.83 -10.80 10.49
C PRO B 122 -3.67 -9.57 10.85
N LEU B 123 -4.25 -8.96 9.82
CA LEU B 123 -5.12 -7.80 10.01
C LEU B 123 -6.54 -8.16 10.40
N GLY B 124 -7.07 -9.25 9.84
CA GLY B 124 -8.47 -9.60 10.03
C GLY B 124 -9.13 -10.00 8.73
N ILE B 125 -10.34 -9.52 8.51
CA ILE B 125 -11.07 -9.84 7.28
C ILE B 125 -10.51 -9.05 6.09
N LEU B 126 -10.12 -9.79 5.06
CA LEU B 126 -9.70 -9.23 3.78
C LEU B 126 -10.78 -9.47 2.74
N LEU B 127 -11.18 -8.41 2.05
CA LEU B 127 -12.06 -8.51 0.89
C LEU B 127 -11.23 -8.67 -0.35
N ALA B 128 -11.58 -9.65 -1.17
CA ALA B 128 -10.98 -9.83 -2.49
C ALA B 128 -12.03 -9.74 -3.57
N VAL B 129 -11.78 -8.92 -4.57
CA VAL B 129 -12.63 -8.81 -5.75
C VAL B 129 -11.83 -9.34 -6.93
N MET B 130 -12.37 -10.35 -7.60
CA MET B 130 -11.62 -11.11 -8.61
C MET B 130 -12.32 -11.17 -9.96
N PRO B 131 -11.54 -11.36 -11.04
CA PRO B 131 -12.11 -11.41 -12.39
C PRO B 131 -12.30 -12.82 -12.94
N TRP B 132 -13.05 -12.94 -14.04
CA TRP B 132 -13.35 -14.26 -14.60
C TRP B 132 -12.21 -14.89 -15.38
N ASN B 133 -11.16 -14.13 -15.72
CA ASN B 133 -10.18 -14.66 -16.67
C ASN B 133 -9.29 -15.79 -16.19
N PHE B 134 -8.94 -15.78 -14.91
CA PHE B 134 -8.25 -16.90 -14.28
C PHE B 134 -9.01 -17.16 -13.00
N PRO B 135 -10.17 -17.82 -13.13
CA PRO B 135 -11.12 -17.85 -12.02
C PRO B 135 -10.69 -18.71 -10.82
N PHE B 136 -9.73 -19.60 -11.00
CA PHE B 136 -9.14 -20.32 -9.87
C PHE B 136 -7.82 -19.69 -9.43
N TRP B 137 -6.92 -19.49 -10.40
CA TRP B 137 -5.56 -19.06 -10.08
C TRP B 137 -5.52 -17.72 -9.35
N GLN B 138 -6.29 -16.74 -9.81
CA GLN B 138 -6.23 -15.43 -9.16
C GLN B 138 -6.75 -15.51 -7.73
N VAL B 139 -7.72 -16.39 -7.50
CA VAL B 139 -8.24 -16.57 -6.15
C VAL B 139 -7.20 -17.22 -5.24
N PHE B 140 -6.58 -18.31 -5.70
CA PHE B 140 -5.56 -18.96 -4.88
C PHE B 140 -4.32 -18.10 -4.71
N ARG B 141 -4.03 -17.26 -5.69
CA ARG B 141 -2.91 -16.31 -5.61
C ARG B 141 -3.03 -15.41 -4.37
N PHE B 142 -4.23 -14.91 -4.06
CA PHE B 142 -4.39 -14.10 -2.87
C PHE B 142 -4.73 -14.96 -1.64
N ALA B 143 -5.48 -16.04 -1.83
CA ALA B 143 -6.01 -16.80 -0.70
C ALA B 143 -4.95 -17.61 0.04
N ALA B 144 -4.04 -18.23 -0.71
CA ALA B 144 -2.98 -19.02 -0.08
C ALA B 144 -2.16 -18.19 0.94
N PRO B 145 -1.60 -17.03 0.55
CA PRO B 145 -0.87 -16.28 1.58
C PRO B 145 -1.78 -15.69 2.66
N ALA B 146 -2.99 -15.27 2.28
CA ALA B 146 -3.92 -14.75 3.29
C ALA B 146 -4.17 -15.77 4.38
N LEU B 147 -4.45 -17.00 3.99
CA LEU B 147 -4.80 -18.02 4.96
C LEU B 147 -3.57 -18.46 5.75
N MET B 148 -2.40 -18.52 5.10
CA MET B 148 -1.20 -18.88 5.82
C MET B 148 -0.84 -17.82 6.87
N ALA B 149 -1.16 -16.56 6.58
CA ALA B 149 -0.83 -15.45 7.48
C ALA B 149 -1.80 -15.32 8.65
N GLY B 150 -2.93 -16.02 8.57
CA GLY B 150 -3.92 -15.96 9.63
C GLY B 150 -5.04 -14.95 9.42
N ASN B 151 -5.08 -14.31 8.25
CA ASN B 151 -6.25 -13.53 7.87
C ASN B 151 -7.41 -14.47 7.54
N VAL B 152 -8.62 -13.90 7.53
CA VAL B 152 -9.75 -14.58 6.89
C VAL B 152 -10.15 -13.76 5.66
N ALA B 153 -10.89 -14.38 4.75
CA ALA B 153 -11.19 -13.71 3.49
C ALA B 153 -12.64 -13.86 3.07
N VAL B 154 -13.16 -12.81 2.46
CA VAL B 154 -14.42 -12.88 1.74
C VAL B 154 -14.15 -12.55 0.28
N LEU B 155 -14.68 -13.38 -0.60
CA LEU B 155 -14.43 -13.27 -2.04
C LEU B 155 -15.67 -12.78 -2.76
N LYS B 156 -15.55 -11.67 -3.48
CA LYS B 156 -16.53 -11.31 -4.48
C LYS B 156 -15.92 -11.63 -5.83
N HIS B 157 -16.34 -12.76 -6.40
CA HIS B 157 -15.87 -13.16 -7.72
C HIS B 157 -16.72 -12.50 -8.80
N ALA B 158 -16.27 -12.62 -10.04
CA ALA B 158 -17.03 -12.11 -11.18
C ALA B 158 -18.40 -12.78 -11.25
N SER B 159 -19.41 -12.04 -11.72
CA SER B 159 -20.78 -12.53 -11.72
C SER B 159 -21.04 -13.68 -12.69
N ASN B 160 -20.14 -13.88 -13.63
CA ASN B 160 -20.27 -14.97 -14.60
C ASN B 160 -19.50 -16.24 -14.24
N VAL B 161 -18.81 -16.26 -13.09
CA VAL B 161 -18.18 -17.51 -12.64
C VAL B 161 -18.63 -17.95 -11.24
N PRO B 162 -19.95 -17.99 -11.01
CA PRO B 162 -20.41 -18.40 -9.67
C PRO B 162 -20.05 -19.84 -9.32
N GLN B 163 -20.08 -20.76 -10.29
CA GLN B 163 -19.70 -22.13 -9.97
C GLN B 163 -18.23 -22.25 -9.60
N CYS B 164 -17.36 -21.50 -10.27
CA CYS B 164 -15.94 -21.49 -9.88
C CYS B 164 -15.78 -20.94 -8.46
N ALA B 165 -16.48 -19.85 -8.18
CA ALA B 165 -16.42 -19.21 -6.88
C ALA B 165 -16.89 -20.16 -5.77
N LEU B 166 -17.99 -20.85 -6.01
CA LEU B 166 -18.47 -21.83 -5.03
C LEU B 166 -17.50 -23.00 -4.88
N ALA B 167 -16.90 -23.43 -5.99
CA ALA B 167 -15.97 -24.55 -5.96
C ALA B 167 -14.73 -24.24 -5.13
N VAL B 168 -14.21 -23.03 -5.23
CA VAL B 168 -13.06 -22.65 -4.42
C VAL B 168 -13.39 -22.73 -2.93
N GLU B 169 -14.55 -22.20 -2.53
CA GLU B 169 -14.95 -22.32 -1.13
C GLU B 169 -15.07 -23.79 -0.73
N ALA B 170 -15.66 -24.62 -1.60
CA ALA B 170 -15.84 -26.04 -1.30
C ALA B 170 -14.50 -26.75 -1.14
N ILE B 171 -13.53 -26.40 -1.97
CA ILE B 171 -12.20 -26.97 -1.84
C ILE B 171 -11.60 -26.66 -0.47
N LEU B 172 -11.72 -25.41 -0.04
CA LEU B 172 -11.15 -24.98 1.22
C LEU B 172 -11.88 -25.59 2.42
N GLU B 173 -13.20 -25.80 2.30
CA GLU B 173 -13.93 -26.53 3.33
C GLU B 173 -13.44 -27.96 3.43
N ALA B 174 -13.34 -28.63 2.28
CA ALA B 174 -12.94 -30.04 2.27
C ALA B 174 -11.52 -30.21 2.78
N ALA B 175 -10.69 -29.19 2.57
CA ALA B 175 -9.30 -29.21 3.03
C ALA B 175 -9.20 -29.14 4.55
N GLY B 176 -10.22 -28.55 5.18
CA GLY B 176 -10.25 -28.47 6.62
C GLY B 176 -10.22 -27.08 7.21
N PHE B 177 -10.17 -26.03 6.39
CA PHE B 177 -10.21 -24.67 6.92
C PHE B 177 -11.53 -24.43 7.64
N PRO B 178 -11.46 -23.92 8.88
CA PRO B 178 -12.70 -23.72 9.65
C PRO B 178 -13.71 -22.79 8.97
N GLU B 179 -14.99 -23.04 9.27
CA GLU B 179 -16.08 -22.24 8.71
C GLU B 179 -15.86 -20.77 9.03
N GLY B 180 -16.05 -19.93 8.02
CA GLY B 180 -15.84 -18.50 8.18
C GLY B 180 -14.44 -18.00 7.84
N VAL B 181 -13.49 -18.92 7.68
CA VAL B 181 -12.15 -18.50 7.30
C VAL B 181 -12.09 -18.03 5.84
N PHE B 182 -12.85 -18.69 4.97
CA PHE B 182 -12.99 -18.25 3.58
C PHE B 182 -14.45 -18.35 3.20
N GLN B 183 -15.02 -17.27 2.67
CA GLN B 183 -16.39 -17.29 2.21
C GLN B 183 -16.55 -16.63 0.87
N THR B 184 -17.18 -17.35 -0.04
CA THR B 184 -17.61 -16.80 -1.31
C THR B 184 -18.90 -16.02 -1.15
N LEU B 185 -18.89 -14.77 -1.61
CA LEU B 185 -20.08 -13.92 -1.60
C LEU B 185 -20.64 -13.84 -3.00
N LEU B 186 -21.82 -14.45 -3.21
CA LEU B 186 -22.49 -14.33 -4.49
C LEU B 186 -23.19 -12.98 -4.53
N ILE B 187 -22.44 -11.95 -4.89
CA ILE B 187 -22.93 -10.57 -4.90
C ILE B 187 -22.46 -9.84 -6.14
N GLY B 188 -23.21 -8.81 -6.52
CA GLY B 188 -22.84 -8.00 -7.67
C GLY B 188 -21.94 -6.85 -7.29
N ALA B 189 -21.45 -6.15 -8.31
CA ALA B 189 -20.54 -5.04 -8.10
C ALA B 189 -21.11 -3.95 -7.19
N SER B 190 -22.42 -3.70 -7.29
CA SER B 190 -23.04 -2.64 -6.49
C SER B 190 -23.07 -2.96 -4.99
N GLN B 191 -22.80 -4.22 -4.65
CA GLN B 191 -22.91 -4.69 -3.28
C GLN B 191 -21.57 -4.64 -2.54
N VAL B 192 -20.51 -4.33 -3.27
CA VAL B 192 -19.17 -4.33 -2.70
C VAL B 192 -18.96 -3.18 -1.71
N GLU B 193 -19.60 -2.03 -1.97
CA GLU B 193 -19.46 -0.88 -1.10
C GLU B 193 -19.82 -1.20 0.35
N GLN B 194 -20.90 -1.96 0.56
CA GLN B 194 -21.25 -2.38 1.91
C GLN B 194 -20.10 -3.13 2.59
N VAL B 195 -19.45 -4.00 1.85
CA VAL B 195 -18.35 -4.78 2.41
C VAL B 195 -17.17 -3.88 2.79
N ILE B 196 -16.76 -3.00 1.89
CA ILE B 196 -15.62 -2.11 2.16
C ILE B 196 -15.91 -1.20 3.36
N LYS B 197 -17.15 -0.78 3.51
CA LYS B 197 -17.52 0.12 4.59
C LYS B 197 -17.78 -0.58 5.91
N ASP B 198 -17.81 -1.90 5.91
CA ASP B 198 -18.07 -2.61 7.17
C ASP B 198 -16.84 -2.50 8.09
N PRO B 199 -17.06 -2.17 9.36
CA PRO B 199 -15.91 -1.93 10.25
C PRO B 199 -15.04 -3.15 10.47
N ARG B 200 -15.59 -4.34 10.28
CA ARG B 200 -14.83 -5.58 10.48
C ARG B 200 -13.90 -5.90 9.31
N VAL B 201 -14.16 -5.30 8.15
CA VAL B 201 -13.34 -5.52 6.98
C VAL B 201 -12.14 -4.58 7.04
N LYS B 202 -10.93 -5.13 7.00
CA LYS B 202 -9.74 -4.34 7.32
C LYS B 202 -8.89 -3.94 6.12
N ALA B 203 -9.13 -4.58 4.99
CA ALA B 203 -8.30 -4.39 3.80
C ALA B 203 -9.01 -4.94 2.58
N ALA B 204 -8.59 -4.51 1.40
CA ALA B 204 -9.22 -4.99 0.18
C ALA B 204 -8.23 -5.12 -0.95
N THR B 205 -8.40 -6.16 -1.75
CA THR B 205 -7.54 -6.39 -2.90
C THR B 205 -8.43 -6.62 -4.12
N LEU B 206 -8.06 -6.04 -5.26
CA LEU B 206 -8.82 -6.23 -6.48
C LEU B 206 -7.92 -6.52 -7.66
N THR B 207 -8.31 -7.53 -8.43
CA THR B 207 -7.70 -7.82 -9.72
C THR B 207 -8.82 -7.60 -10.74
N GLY B 208 -8.57 -6.78 -11.75
CA GLY B 208 -9.65 -6.38 -12.62
C GLY B 208 -9.31 -5.16 -13.45
N SER B 209 -10.34 -4.50 -13.95
CA SER B 209 -10.18 -3.34 -14.81
C SER B 209 -10.01 -2.07 -13.98
N GLU B 210 -9.55 -1.02 -14.65
CA GLU B 210 -9.38 0.27 -13.98
C GLU B 210 -10.62 0.84 -13.29
N PRO B 211 -11.79 0.83 -13.97
CA PRO B 211 -12.96 1.42 -13.28
C PRO B 211 -13.31 0.66 -12.00
N ALA B 212 -13.16 -0.66 -12.02
CA ALA B 212 -13.40 -1.46 -10.82
C ALA B 212 -12.39 -1.11 -9.72
N GLY B 213 -11.12 -1.07 -10.08
CA GLY B 213 -10.07 -0.71 -9.14
C GLY B 213 -10.22 0.67 -8.55
N ALA B 214 -10.56 1.64 -9.40
CA ALA B 214 -10.78 3.01 -8.95
C ALA B 214 -11.92 3.09 -7.94
N SER B 215 -13.00 2.36 -8.21
CA SER B 215 -14.15 2.34 -7.31
C SER B 215 -13.77 1.76 -5.95
N LEU B 216 -13.16 0.57 -5.96
CA LEU B 216 -12.77 -0.09 -4.72
C LEU B 216 -11.73 0.72 -3.95
N ALA B 217 -10.72 1.24 -4.65
CA ALA B 217 -9.64 1.94 -3.97
C ALA B 217 -10.08 3.28 -3.41
N SER B 218 -10.96 3.99 -4.14
CA SER B 218 -11.46 5.26 -3.64
C SER B 218 -12.30 5.03 -2.39
N LEU B 219 -13.14 4.00 -2.40
CA LEU B 219 -13.97 3.69 -1.23
C LEU B 219 -13.12 3.26 -0.04
N ALA B 220 -12.12 2.41 -0.29
CA ALA B 220 -11.25 1.95 0.77
C ALA B 220 -10.43 3.11 1.35
N GLY B 221 -9.99 4.02 0.48
CA GLY B 221 -9.23 5.18 0.91
C GLY B 221 -10.01 6.03 1.89
N GLN B 222 -11.28 6.25 1.58
CA GLN B 222 -12.18 7.00 2.47
C GLN B 222 -12.28 6.35 3.85
N GLU B 223 -12.20 5.02 3.87
CA GLU B 223 -12.32 4.26 5.11
C GLU B 223 -10.97 3.97 5.80
N ILE B 224 -9.89 4.55 5.28
CA ILE B 224 -8.53 4.36 5.82
C ILE B 224 -8.13 2.89 5.81
N LYS B 225 -8.36 2.22 4.69
CA LYS B 225 -8.03 0.80 4.58
C LYS B 225 -7.06 0.55 3.44
N PRO B 226 -6.04 -0.28 3.68
CA PRO B 226 -5.03 -0.55 2.65
C PRO B 226 -5.59 -1.40 1.51
N THR B 227 -5.03 -1.18 0.32
CA THR B 227 -5.44 -1.91 -0.86
C THR B 227 -4.25 -2.41 -1.66
N LEU B 228 -4.55 -3.31 -2.58
CA LEU B 228 -3.61 -3.78 -3.58
C LEU B 228 -4.42 -3.89 -4.85
N LEU B 229 -3.91 -3.32 -5.95
CA LEU B 229 -4.62 -3.36 -7.22
C LEU B 229 -3.76 -3.99 -8.29
N GLU B 230 -4.31 -5.02 -8.92
CA GLU B 230 -3.68 -5.72 -10.03
C GLU B 230 -4.57 -5.49 -11.24
N LEU B 231 -4.20 -4.54 -12.09
CA LEU B 231 -5.08 -4.15 -13.18
C LEU B 231 -4.52 -4.60 -14.53
N GLY B 232 -5.06 -4.06 -15.61
CA GLY B 232 -4.71 -4.52 -16.95
C GLY B 232 -3.39 -4.00 -17.47
N GLY B 233 -3.02 -4.48 -18.65
CA GLY B 233 -1.80 -4.03 -19.28
C GLY B 233 -1.93 -3.98 -20.79
N SER B 234 -0.97 -3.34 -21.43
CA SER B 234 -0.82 -3.45 -22.88
C SER B 234 0.65 -3.76 -23.13
N ASP B 235 1.06 -4.94 -22.69
CA ASP B 235 2.48 -5.27 -22.60
C ASP B 235 3.14 -5.29 -23.97
N PRO B 236 4.34 -4.70 -24.06
CA PRO B 236 5.10 -4.77 -25.30
C PRO B 236 5.83 -6.12 -25.41
N PHE B 237 6.03 -6.54 -26.65
CA PHE B 237 6.80 -7.74 -26.98
C PHE B 237 7.77 -7.24 -28.06
N VAL B 238 9.01 -6.97 -27.63
CA VAL B 238 9.98 -6.28 -28.47
C VAL B 238 10.95 -7.29 -29.07
N VAL B 239 11.12 -7.24 -30.39
CA VAL B 239 11.98 -8.21 -31.05
C VAL B 239 13.07 -7.51 -31.84
N PHE B 240 14.31 -7.76 -31.43
CA PHE B 240 15.46 -7.07 -32.01
C PHE B 240 16.31 -7.99 -32.90
N PRO B 241 17.26 -7.41 -33.66
CA PRO B 241 17.87 -8.22 -34.73
C PRO B 241 18.69 -9.43 -34.29
N SER B 242 19.17 -9.47 -33.05
CA SER B 242 19.95 -10.63 -32.58
C SER B 242 19.08 -11.71 -31.94
N ALA B 243 17.77 -11.52 -31.95
CA ALA B 243 16.84 -12.49 -31.36
C ALA B 243 16.79 -13.80 -32.13
N ASP B 244 16.47 -14.87 -31.42
CA ASP B 244 16.05 -16.13 -32.04
C ASP B 244 14.65 -15.89 -32.58
N LEU B 245 14.56 -15.61 -33.87
CA LEU B 245 13.31 -15.18 -34.48
C LEU B 245 12.22 -16.23 -34.41
N ASP B 246 12.58 -17.48 -34.70
CA ASP B 246 11.58 -18.55 -34.71
C ASP B 246 11.05 -18.81 -33.30
N GLU B 247 11.93 -18.76 -32.30
CA GLU B 247 11.47 -18.90 -30.92
C GLU B 247 10.58 -17.71 -30.56
N ALA B 248 10.98 -16.51 -30.96
CA ALA B 248 10.21 -15.31 -30.63
C ALA B 248 8.81 -15.34 -31.24
N VAL B 249 8.68 -15.82 -32.47
CA VAL B 249 7.38 -15.95 -33.13
C VAL B 249 6.49 -16.98 -32.43
N GLU B 250 7.06 -18.13 -32.13
CA GLU B 250 6.33 -19.19 -31.45
C GLU B 250 5.84 -18.72 -30.07
N VAL B 251 6.76 -18.20 -29.29
CA VAL B 251 6.43 -17.74 -27.94
C VAL B 251 5.50 -16.54 -27.97
N GLY B 252 5.76 -15.61 -28.88
CA GLY B 252 4.88 -14.46 -29.04
C GLY B 252 3.45 -14.84 -29.38
N THR B 253 3.30 -15.87 -30.21
CA THR B 253 1.98 -16.34 -30.58
C THR B 253 1.26 -16.87 -29.36
N VAL B 254 1.95 -17.68 -28.56
CA VAL B 254 1.38 -18.15 -27.29
C VAL B 254 1.05 -16.97 -26.38
N ALA B 255 1.98 -16.03 -26.24
CA ALA B 255 1.79 -14.93 -25.32
C ALA B 255 0.56 -14.08 -25.66
N ARG B 256 0.30 -13.85 -26.94
CA ARG B 256 -0.88 -13.07 -27.34
C ARG B 256 -2.16 -13.88 -27.26
N THR B 257 -2.12 -15.17 -27.60
CA THR B 257 -3.35 -15.90 -27.83
C THR B 257 -3.78 -16.84 -26.71
N MET B 258 -2.90 -17.12 -25.75
CA MET B 258 -3.27 -17.95 -24.60
C MET B 258 -4.47 -17.34 -23.86
N ASN B 259 -5.28 -18.18 -23.25
CA ASN B 259 -6.48 -17.76 -22.54
C ASN B 259 -7.41 -16.96 -23.44
N ASN B 260 -7.44 -17.34 -24.71
CA ASN B 260 -8.21 -16.65 -25.75
C ASN B 260 -7.88 -15.16 -25.80
N GLY B 261 -6.62 -14.84 -25.49
CA GLY B 261 -6.15 -13.47 -25.48
C GLY B 261 -6.45 -12.68 -24.22
N GLN B 262 -7.26 -13.24 -23.33
CA GLN B 262 -7.75 -12.52 -22.17
C GLN B 262 -6.83 -12.65 -20.96
N SER B 263 -5.64 -12.08 -21.09
CA SER B 263 -4.68 -12.07 -20.00
C SER B 263 -4.08 -10.70 -19.85
N CYS B 264 -3.92 -10.28 -18.60
CA CYS B 264 -3.30 -9.01 -18.28
C CYS B 264 -1.86 -8.91 -18.79
N ILE B 265 -1.17 -10.05 -18.86
CA ILE B 265 0.22 -10.11 -19.33
C ILE B 265 0.34 -10.79 -20.70
N ALA B 266 -0.74 -10.79 -21.47
CA ALA B 266 -0.61 -11.13 -22.88
C ALA B 266 0.37 -10.18 -23.54
N ALA B 267 1.08 -10.68 -24.53
CA ALA B 267 1.80 -9.82 -25.46
C ALA B 267 0.75 -9.10 -26.32
N LYS B 268 0.60 -7.79 -26.14
CA LYS B 268 -0.44 -7.06 -26.87
C LYS B 268 0.10 -6.17 -28.00
N ARG B 269 1.30 -5.63 -27.82
CA ARG B 269 1.91 -4.74 -28.81
C ARG B 269 3.26 -5.30 -29.21
N PHE B 270 3.35 -5.77 -30.46
CA PHE B 270 4.58 -6.33 -30.99
C PHE B 270 5.39 -5.20 -31.62
N ILE B 271 6.59 -5.01 -31.10
CA ILE B 271 7.46 -3.91 -31.50
C ILE B 271 8.68 -4.51 -32.16
N LEU B 272 8.74 -4.41 -33.48
CA LEU B 272 9.70 -5.15 -34.29
C LEU B 272 10.74 -4.24 -34.88
N HIS B 273 12.01 -4.56 -34.65
CA HIS B 273 13.07 -3.82 -35.31
C HIS B 273 12.96 -4.01 -36.82
N GLU B 274 13.12 -2.93 -37.57
CA GLU B 274 12.94 -2.97 -39.02
C GLU B 274 13.77 -4.03 -39.74
N ALA B 275 14.94 -4.35 -39.20
CA ALA B 275 15.81 -5.34 -39.82
C ALA B 275 15.19 -6.74 -39.86
N ILE B 276 14.31 -7.03 -38.90
CA ILE B 276 13.70 -8.37 -38.84
C ILE B 276 12.20 -8.37 -38.99
N ALA B 277 11.61 -7.20 -39.15
CA ALA B 277 10.15 -7.07 -39.10
C ALA B 277 9.41 -7.87 -40.17
N ALA B 278 9.89 -7.83 -41.41
CA ALA B 278 9.19 -8.53 -42.49
C ALA B 278 9.14 -10.03 -42.26
N GLU B 279 10.28 -10.62 -41.89
CA GLU B 279 10.35 -12.05 -41.60
C GLU B 279 9.48 -12.41 -40.40
N PHE B 280 9.58 -11.62 -39.34
CA PHE B 280 8.81 -11.91 -38.13
C PHE B 280 7.32 -11.86 -38.40
N LEU B 281 6.90 -10.80 -39.08
CA LEU B 281 5.48 -10.56 -39.31
C LEU B 281 4.87 -11.66 -40.17
N GLU B 282 5.60 -12.07 -41.21
CA GLU B 282 5.10 -13.14 -42.07
C GLU B 282 4.93 -14.44 -41.28
N LYS B 283 5.92 -14.77 -40.44
CA LYS B 283 5.84 -15.98 -39.62
C LYS B 283 4.74 -15.88 -38.57
N LEU B 284 4.57 -14.70 -37.99
CA LEU B 284 3.51 -14.44 -37.02
C LEU B 284 2.14 -14.68 -37.68
N HIS B 285 2.00 -14.12 -38.87
CA HIS B 285 0.78 -14.25 -39.68
C HIS B 285 0.42 -15.72 -39.89
N LEU B 286 1.40 -16.50 -40.33
CA LEU B 286 1.21 -17.93 -40.59
C LEU B 286 0.86 -18.70 -39.32
N LYS B 287 1.55 -18.41 -38.22
CA LYS B 287 1.28 -19.08 -36.96
C LYS B 287 -0.13 -18.80 -36.46
N PHE B 288 -0.52 -17.52 -36.51
CA PHE B 288 -1.86 -17.14 -36.06
C PHE B 288 -2.92 -17.85 -36.91
N ALA B 289 -2.69 -17.94 -38.22
CA ALA B 289 -3.68 -18.52 -39.14
C ALA B 289 -3.86 -20.02 -38.94
N SER B 290 -2.87 -20.70 -38.37
CA SER B 290 -2.97 -22.13 -38.10
C SER B 290 -3.63 -22.49 -36.78
N LEU B 291 -3.95 -21.50 -35.95
CA LEU B 291 -4.56 -21.78 -34.65
C LEU B 291 -5.95 -22.39 -34.81
N LYS B 292 -6.25 -23.41 -34.00
CA LYS B 292 -7.55 -24.07 -34.07
C LYS B 292 -8.58 -23.36 -33.19
N ILE B 293 -9.62 -22.83 -33.81
CA ILE B 293 -10.68 -22.13 -33.10
C ILE B 293 -11.87 -23.06 -32.96
N GLY B 294 -12.41 -23.17 -31.75
CA GLY B 294 -13.61 -23.99 -31.59
C GLY B 294 -13.94 -24.34 -30.15
N ASP B 295 -14.53 -25.51 -29.98
CA ASP B 295 -14.98 -25.99 -28.68
C ASP B 295 -13.82 -26.11 -27.70
N PRO B 296 -13.83 -25.29 -26.63
CA PRO B 296 -12.69 -25.31 -25.72
C PRO B 296 -12.53 -26.62 -24.93
N MET B 297 -13.57 -27.46 -24.90
CA MET B 297 -13.43 -28.75 -24.24
C MET B 297 -12.60 -29.75 -25.05
N ALA B 298 -12.42 -29.50 -26.34
CA ALA B 298 -11.62 -30.37 -27.19
C ALA B 298 -10.12 -30.12 -26.98
N PRO B 299 -9.34 -31.19 -26.76
CA PRO B 299 -7.91 -30.98 -26.46
C PRO B 299 -7.11 -30.32 -27.58
N GLU B 300 -7.57 -30.42 -28.82
CA GLU B 300 -6.87 -29.82 -29.96
C GLU B 300 -7.14 -28.32 -30.10
N THR B 301 -8.14 -27.81 -29.40
CA THR B 301 -8.53 -26.42 -29.57
C THR B 301 -7.49 -25.46 -28.99
N ASP B 302 -7.13 -24.45 -29.78
CA ASP B 302 -6.25 -23.38 -29.32
C ASP B 302 -7.06 -22.20 -28.78
N ILE B 303 -8.10 -21.83 -29.51
CA ILE B 303 -8.86 -20.62 -29.22
C ILE B 303 -10.33 -20.97 -28.98
N GLY B 304 -10.79 -20.82 -27.73
CA GLY B 304 -12.21 -20.90 -27.43
C GLY B 304 -12.87 -19.55 -27.67
N PRO B 305 -14.13 -19.41 -27.26
CA PRO B 305 -14.85 -18.15 -27.40
C PRO B 305 -14.35 -17.15 -26.37
N LEU B 306 -14.56 -15.86 -26.61
CA LEU B 306 -14.35 -14.87 -25.56
C LEU B 306 -15.38 -15.11 -24.46
N ALA B 307 -15.12 -14.64 -23.25
CA ALA B 307 -15.92 -15.07 -22.11
C ALA B 307 -17.35 -14.53 -22.11
N THR B 308 -17.55 -13.34 -22.67
CA THR B 308 -18.86 -12.70 -22.58
C THR B 308 -19.20 -12.00 -23.89
N GLU B 309 -20.48 -11.75 -24.09
CA GLU B 309 -20.91 -10.99 -25.25
C GLU B 309 -20.38 -9.56 -25.20
N GLY B 310 -20.28 -8.98 -24.00
CA GLY B 310 -19.73 -7.65 -23.84
C GLY B 310 -18.29 -7.51 -24.31
N ILE B 311 -17.45 -8.49 -23.96
CA ILE B 311 -16.06 -8.49 -24.41
C ILE B 311 -16.03 -8.59 -25.94
N LEU B 312 -16.84 -9.48 -26.49
CA LEU B 312 -16.93 -9.63 -27.94
C LEU B 312 -17.34 -8.31 -28.61
N GLN B 313 -18.36 -7.65 -28.08
CA GLN B 313 -18.81 -6.37 -28.62
C GLN B 313 -17.70 -5.31 -28.53
N ASP B 314 -17.01 -5.28 -27.39
CA ASP B 314 -15.97 -4.28 -27.17
C ASP B 314 -14.80 -4.44 -28.15
N ILE B 315 -14.24 -5.64 -28.25
CA ILE B 315 -13.11 -5.81 -29.16
C ILE B 315 -13.53 -5.58 -30.62
N SER B 316 -14.74 -6.00 -30.97
CA SER B 316 -15.23 -5.82 -32.33
C SER B 316 -15.27 -4.33 -32.66
N ARG B 317 -15.74 -3.53 -31.71
CA ARG B 317 -15.80 -2.08 -31.89
C ARG B 317 -14.40 -1.48 -31.94
N GLN B 318 -13.53 -1.87 -31.02
CA GLN B 318 -12.18 -1.33 -31.00
C GLN B 318 -11.48 -1.56 -32.34
N VAL B 319 -11.59 -2.76 -32.86
CA VAL B 319 -10.97 -3.08 -34.13
C VAL B 319 -11.62 -2.31 -35.27
N ASP B 320 -12.96 -2.30 -35.31
CA ASP B 320 -13.68 -1.58 -36.36
C ASP B 320 -13.28 -0.11 -36.42
N GLN B 321 -13.19 0.53 -35.26
CA GLN B 321 -12.84 1.95 -35.23
C GLN B 321 -11.37 2.19 -35.64
N ALA B 322 -10.47 1.30 -35.26
CA ALA B 322 -9.08 1.42 -35.68
C ALA B 322 -8.96 1.30 -37.19
N VAL B 323 -9.69 0.35 -37.76
CA VAL B 323 -9.66 0.15 -39.21
C VAL B 323 -10.26 1.35 -39.94
N ALA B 324 -11.34 1.89 -39.40
CA ALA B 324 -11.98 3.06 -40.01
C ALA B 324 -11.01 4.24 -40.03
N ALA B 325 -10.18 4.33 -39.00
CA ALA B 325 -9.18 5.40 -38.88
C ALA B 325 -7.99 5.20 -39.81
N GLY B 326 -7.84 3.99 -40.34
CA GLY B 326 -6.77 3.72 -41.30
C GLY B 326 -5.89 2.53 -41.02
N ALA B 327 -6.12 1.85 -39.90
CA ALA B 327 -5.33 0.65 -39.58
C ALA B 327 -5.62 -0.44 -40.60
N LYS B 328 -4.63 -1.29 -40.84
CA LYS B 328 -4.78 -2.39 -41.77
C LYS B 328 -4.94 -3.72 -41.05
N ILE B 329 -5.87 -4.53 -41.54
CA ILE B 329 -6.06 -5.88 -41.03
C ILE B 329 -5.21 -6.84 -41.85
N LEU B 330 -4.20 -7.42 -41.22
CA LEU B 330 -3.39 -8.44 -41.87
C LEU B 330 -4.10 -9.79 -41.77
N LEU B 331 -4.83 -9.98 -40.67
CA LEU B 331 -5.53 -11.25 -40.41
C LEU B 331 -6.68 -10.98 -39.46
N GLY B 332 -7.83 -11.64 -39.71
CA GLY B 332 -8.94 -11.61 -38.78
C GLY B 332 -9.75 -10.33 -38.82
N GLY B 333 -10.10 -9.80 -37.65
CA GLY B 333 -10.71 -8.49 -37.58
C GLY B 333 -12.22 -8.43 -37.67
N ARG B 334 -12.87 -9.58 -37.53
CA ARG B 334 -14.33 -9.61 -37.53
C ARG B 334 -14.79 -10.80 -36.71
N PRO B 335 -15.90 -10.65 -35.98
CA PRO B 335 -16.41 -11.79 -35.21
C PRO B 335 -16.82 -12.95 -36.13
N LEU B 336 -16.69 -14.18 -35.64
CA LEU B 336 -17.05 -15.34 -36.43
C LEU B 336 -18.55 -15.50 -36.49
N ASP B 337 -19.04 -15.98 -37.64
CA ASP B 337 -20.45 -16.28 -37.79
C ASP B 337 -20.71 -17.71 -37.34
N ARG B 338 -20.62 -17.93 -36.04
CA ARG B 338 -21.00 -19.20 -35.44
C ARG B 338 -21.54 -18.95 -34.04
N ALA B 339 -22.22 -19.93 -33.47
CA ALA B 339 -22.74 -19.83 -32.12
C ALA B 339 -21.59 -19.65 -31.14
N GLY B 340 -21.83 -18.84 -30.10
CA GLY B 340 -20.80 -18.57 -29.10
C GLY B 340 -20.05 -17.30 -29.40
N TYR B 341 -19.35 -16.76 -28.41
CA TYR B 341 -18.76 -15.43 -28.52
C TYR B 341 -17.37 -15.46 -29.18
N PHE B 342 -17.31 -16.02 -30.39
CA PHE B 342 -16.03 -16.24 -31.05
C PHE B 342 -15.48 -15.05 -31.81
N TYR B 343 -14.22 -14.73 -31.56
CA TYR B 343 -13.47 -13.72 -32.29
C TYR B 343 -12.13 -14.32 -32.67
N PRO B 344 -11.73 -14.19 -33.94
CA PRO B 344 -10.52 -14.86 -34.43
C PRO B 344 -9.24 -14.14 -34.06
N PRO B 345 -8.13 -14.89 -33.97
CA PRO B 345 -6.81 -14.26 -33.90
C PRO B 345 -6.67 -13.21 -34.98
N THR B 346 -6.18 -12.04 -34.58
CA THR B 346 -6.20 -10.88 -35.46
C THR B 346 -4.86 -10.17 -35.38
N ILE B 347 -4.40 -9.63 -36.51
CA ILE B 347 -3.19 -8.84 -36.54
C ILE B 347 -3.48 -7.51 -37.20
N LEU B 348 -3.20 -6.42 -36.49
CA LEU B 348 -3.39 -5.07 -37.02
C LEU B 348 -2.05 -4.39 -37.23
N THR B 349 -1.90 -3.71 -38.36
CA THR B 349 -0.66 -3.03 -38.68
C THR B 349 -0.97 -1.62 -39.16
N GLU B 350 0.07 -0.80 -39.29
CA GLU B 350 -0.06 0.56 -39.81
C GLU B 350 -1.13 1.37 -39.09
N ILE B 351 -1.15 1.26 -37.77
CA ILE B 351 -2.15 1.98 -36.99
C ILE B 351 -1.77 3.46 -36.96
N PRO B 352 -2.72 4.34 -37.33
CA PRO B 352 -2.42 5.77 -37.39
C PRO B 352 -2.07 6.35 -36.02
N PRO B 353 -1.10 7.28 -35.99
CA PRO B 353 -0.75 8.00 -34.77
C PRO B 353 -1.99 8.68 -34.19
N GLY B 354 -2.16 8.60 -32.88
CA GLY B 354 -3.31 9.23 -32.23
C GLY B 354 -4.59 8.43 -32.25
N ALA B 355 -4.55 7.25 -32.87
CA ALA B 355 -5.70 6.34 -32.80
C ALA B 355 -5.88 5.93 -31.35
N LYS B 356 -7.13 5.97 -30.87
CA LYS B 356 -7.41 5.68 -29.47
C LYS B 356 -6.98 4.27 -29.07
N ILE B 357 -7.00 3.35 -30.02
CA ILE B 357 -6.68 1.95 -29.73
C ILE B 357 -5.26 1.78 -29.19
N LEU B 358 -4.37 2.69 -29.59
CA LEU B 358 -2.97 2.63 -29.17
C LEU B 358 -2.82 2.71 -27.66
N GLN B 359 -3.82 3.30 -27.00
CA GLN B 359 -3.78 3.54 -25.56
C GLN B 359 -4.68 2.58 -24.79
N GLU B 360 -5.27 1.62 -25.49
CA GLU B 360 -6.23 0.71 -24.86
C GLU B 360 -5.75 -0.71 -24.73
N GLU B 361 -6.36 -1.44 -23.80
CA GLU B 361 -6.11 -2.87 -23.64
C GLU B 361 -6.97 -3.66 -24.60
N LEU B 362 -6.35 -4.53 -25.38
CA LEU B 362 -7.09 -5.43 -26.26
C LEU B 362 -7.17 -6.79 -25.58
N PHE B 363 -8.32 -7.06 -24.98
CA PHE B 363 -8.51 -8.23 -24.12
C PHE B 363 -9.16 -9.33 -24.96
N ALA B 364 -8.40 -9.81 -25.94
CA ALA B 364 -8.87 -10.68 -27.00
C ALA B 364 -7.61 -10.97 -27.82
N PRO B 365 -7.66 -11.96 -28.73
CA PRO B 365 -6.39 -12.35 -29.37
C PRO B 365 -6.05 -11.46 -30.56
N VAL B 366 -5.85 -10.18 -30.29
CA VAL B 366 -5.66 -9.16 -31.32
C VAL B 366 -4.32 -8.47 -31.10
N ALA B 367 -3.37 -8.73 -32.00
CA ALA B 367 -2.04 -8.16 -31.90
C ALA B 367 -1.93 -6.85 -32.67
N MET B 368 -1.44 -5.81 -32.01
CA MET B 368 -1.00 -4.59 -32.70
C MET B 368 0.48 -4.73 -33.04
N VAL B 369 0.86 -4.37 -34.27
CA VAL B 369 2.24 -4.53 -34.72
C VAL B 369 2.84 -3.19 -35.13
N PHE B 370 4.06 -2.94 -34.66
CA PHE B 370 4.79 -1.70 -34.94
C PHE B 370 6.20 -2.03 -35.41
N THR B 371 6.76 -1.13 -36.21
CA THR B 371 8.16 -1.23 -36.60
C THR B 371 8.95 -0.05 -36.03
N VAL B 372 10.15 -0.34 -35.53
CA VAL B 372 11.04 0.70 -35.00
C VAL B 372 12.43 0.57 -35.58
N LYS B 373 13.23 1.64 -35.46
CA LYS B 373 14.53 1.68 -36.12
C LYS B 373 15.73 1.48 -35.19
N ASP B 374 15.53 1.67 -33.89
CA ASP B 374 16.62 1.54 -32.94
C ASP B 374 16.12 1.32 -31.53
N LEU B 375 17.06 1.16 -30.60
CA LEU B 375 16.76 0.86 -29.21
C LEU B 375 15.96 1.98 -28.53
N ASP B 376 16.37 3.24 -28.72
CA ASP B 376 15.66 4.35 -28.11
C ASP B 376 14.20 4.39 -28.56
N GLN B 377 13.97 4.16 -29.85
CA GLN B 377 12.61 4.22 -30.38
C GLN B 377 11.78 3.06 -29.82
N ALA B 378 12.39 1.90 -29.67
CA ALA B 378 11.70 0.73 -29.13
C ALA B 378 11.24 0.99 -27.69
N ILE B 379 12.12 1.53 -26.88
CA ILE B 379 11.82 1.80 -25.48
C ILE B 379 10.76 2.87 -25.35
N ALA B 380 10.88 3.95 -26.13
CA ALA B 380 9.90 5.01 -26.10
C ALA B 380 8.51 4.50 -26.47
N LEU B 381 8.43 3.71 -27.55
CA LEU B 381 7.15 3.19 -27.98
C LEU B 381 6.58 2.21 -26.94
N ALA B 382 7.44 1.35 -26.44
CA ALA B 382 7.04 0.39 -25.42
C ALA B 382 6.39 1.06 -24.21
N ASN B 383 6.94 2.20 -23.82
CA ASN B 383 6.47 2.90 -22.62
C ASN B 383 5.34 3.88 -22.88
N ASP B 384 4.99 4.09 -24.14
CA ASP B 384 4.03 5.13 -24.52
C ASP B 384 2.58 4.65 -24.36
N ILE B 385 2.25 4.24 -23.15
CA ILE B 385 0.94 3.73 -22.80
C ILE B 385 0.65 4.13 -21.37
N PRO B 386 -0.63 4.09 -20.96
CA PRO B 386 -0.94 4.43 -19.56
C PRO B 386 -0.62 3.30 -18.60
N PHE B 387 -0.49 2.08 -19.14
CA PHE B 387 -0.27 0.89 -18.33
C PHE B 387 1.21 0.64 -18.12
N GLY B 388 1.52 -0.34 -17.27
CA GLY B 388 2.90 -0.69 -16.99
C GLY B 388 2.99 -1.99 -16.22
N LEU B 389 2.43 -3.05 -16.79
CA LEU B 389 2.37 -4.33 -16.09
C LEU B 389 3.61 -5.18 -16.41
N GLY B 390 3.61 -5.85 -17.56
CA GLY B 390 4.78 -6.61 -17.97
C GLY B 390 5.41 -6.11 -19.27
N ALA B 391 6.54 -6.70 -19.61
CA ALA B 391 7.25 -6.38 -20.85
C ALA B 391 8.17 -7.54 -21.19
N SER B 392 8.23 -7.87 -22.48
CA SER B 392 9.12 -8.91 -22.96
C SER B 392 9.99 -8.31 -24.06
N ALA B 393 11.29 -8.62 -24.04
CA ALA B 393 12.21 -8.15 -25.07
C ALA B 393 13.16 -9.26 -25.49
N TRP B 394 13.41 -9.32 -26.78
CA TRP B 394 14.16 -10.41 -27.38
C TRP B 394 15.40 -9.88 -28.07
N THR B 395 16.56 -10.22 -27.50
CA THR B 395 17.85 -9.76 -27.97
C THR B 395 18.91 -10.55 -27.25
N ASN B 396 20.01 -10.79 -27.94
CA ASN B 396 21.14 -11.47 -27.33
C ASN B 396 22.36 -10.58 -27.17
N ASP B 397 22.14 -9.27 -27.31
CA ASP B 397 23.18 -8.29 -27.04
C ASP B 397 23.08 -7.86 -25.57
N PRO B 398 24.12 -8.12 -24.78
CA PRO B 398 24.03 -7.82 -23.34
C PRO B 398 23.73 -6.35 -23.03
N ALA B 399 24.29 -5.42 -23.79
CA ALA B 399 24.02 -4.01 -23.55
C ALA B 399 22.56 -3.65 -23.82
N GLU B 400 21.99 -4.21 -24.89
CA GLU B 400 20.56 -4.03 -25.16
C GLU B 400 19.71 -4.64 -24.05
N GLN B 401 20.08 -5.84 -23.62
CA GLN B 401 19.34 -6.52 -22.54
C GLN B 401 19.28 -5.64 -21.30
N GLN B 402 20.41 -5.05 -20.93
CA GLN B 402 20.46 -4.23 -19.74
C GLN B 402 19.64 -2.95 -19.87
N ARG B 403 19.68 -2.32 -21.04
CA ARG B 403 18.84 -1.14 -21.26
C ARG B 403 17.35 -1.48 -21.22
N PHE B 404 16.94 -2.59 -21.83
CA PHE B 404 15.54 -3.01 -21.74
C PHE B 404 15.13 -3.25 -20.30
N ILE B 405 15.94 -4.00 -19.55
CA ILE B 405 15.64 -4.28 -18.14
C ILE B 405 15.51 -2.99 -17.35
N GLN B 406 16.45 -2.06 -17.56
CA GLN B 406 16.49 -0.84 -16.78
C GLN B 406 15.39 0.14 -17.16
N GLU B 407 15.09 0.24 -18.45
CA GLU B 407 14.31 1.36 -18.94
C GLU B 407 12.87 1.07 -19.35
N LEU B 408 12.49 -0.20 -19.45
CA LEU B 408 11.09 -0.51 -19.72
C LEU B 408 10.28 -0.23 -18.45
N ASP B 409 9.24 0.58 -18.59
CA ASP B 409 8.46 1.05 -17.44
C ASP B 409 7.36 0.03 -17.14
N ALA B 410 7.74 -1.01 -16.43
CA ALA B 410 6.83 -2.12 -16.15
C ALA B 410 7.21 -2.76 -14.82
N GLY B 411 6.26 -3.49 -14.24
CA GLY B 411 6.51 -4.24 -13.02
C GLY B 411 7.32 -5.50 -13.25
N ALA B 412 7.37 -5.98 -14.49
CA ALA B 412 8.16 -7.16 -14.81
C ALA B 412 8.76 -7.03 -16.20
N VAL B 413 10.03 -7.38 -16.31
CA VAL B 413 10.71 -7.41 -17.61
C VAL B 413 11.31 -8.79 -17.82
N PHE B 414 10.88 -9.44 -18.90
CA PHE B 414 11.40 -10.76 -19.28
C PHE B 414 12.25 -10.62 -20.55
N ILE B 415 13.47 -11.14 -20.50
CA ILE B 415 14.36 -11.13 -21.64
C ILE B 415 14.44 -12.53 -22.26
N ASN B 416 14.08 -12.62 -23.54
CA ASN B 416 14.09 -13.86 -24.30
C ASN B 416 13.13 -14.91 -23.72
N GLY B 417 12.02 -14.43 -23.18
CA GLY B 417 10.93 -15.30 -22.78
C GLY B 417 9.67 -14.49 -22.62
N MET B 418 8.51 -15.15 -22.64
CA MET B 418 7.25 -14.46 -22.39
C MET B 418 7.06 -14.21 -20.90
N VAL B 419 6.43 -13.09 -20.57
CA VAL B 419 6.09 -12.79 -19.18
C VAL B 419 5.16 -13.89 -18.65
N LYS B 420 5.49 -14.40 -17.46
CA LYS B 420 4.64 -15.38 -16.78
C LYS B 420 4.66 -15.04 -15.30
N SER B 421 3.62 -15.43 -14.59
CA SER B 421 3.67 -15.33 -13.13
C SER B 421 4.19 -16.65 -12.58
N ASP B 422 4.82 -16.58 -11.41
CA ASP B 422 5.51 -17.70 -10.79
C ASP B 422 5.47 -17.41 -9.30
N PRO B 423 4.96 -18.35 -8.49
CA PRO B 423 4.85 -18.05 -7.04
C PRO B 423 6.17 -17.62 -6.41
N ARG B 424 7.30 -17.99 -7.00
CA ARG B 424 8.60 -17.68 -6.42
C ARG B 424 9.04 -16.23 -6.57
N LEU B 425 8.35 -15.48 -7.44
CA LEU B 425 8.72 -14.11 -7.77
C LEU B 425 7.54 -13.19 -7.61
N PRO B 426 7.74 -12.01 -6.98
CA PRO B 426 6.62 -11.07 -6.85
C PRO B 426 6.07 -10.63 -8.22
N PHE B 427 4.81 -10.21 -8.21
CA PHE B 427 4.09 -9.91 -9.44
C PHE B 427 3.14 -8.74 -9.22
N GLY B 428 3.28 -7.71 -10.02
CA GLY B 428 2.37 -6.57 -9.95
C GLY B 428 2.69 -5.49 -10.93
N GLY B 429 1.84 -4.46 -10.96
CA GLY B 429 1.95 -3.41 -11.94
C GLY B 429 2.52 -2.10 -11.44
N THR B 430 2.74 -1.20 -12.40
CA THR B 430 3.06 0.19 -12.14
C THR B 430 2.14 1.04 -13.00
N LYS B 431 2.23 2.36 -12.83
CA LYS B 431 1.41 3.28 -13.61
C LYS B 431 -0.07 2.90 -13.45
N ARG B 432 -0.85 2.90 -14.53
CA ARG B 432 -2.28 2.58 -14.39
C ARG B 432 -2.57 1.09 -14.27
N SER B 433 -1.52 0.27 -14.26
CA SER B 433 -1.70 -1.17 -14.04
C SER B 433 -1.82 -1.55 -12.57
N GLY B 434 -1.69 -0.57 -11.68
CA GLY B 434 -1.89 -0.84 -10.27
C GLY B 434 -0.66 -0.62 -9.41
N TYR B 435 -0.69 -1.21 -8.23
CA TYR B 435 0.36 -1.06 -7.23
C TYR B 435 0.24 -2.20 -6.24
N GLY B 436 1.33 -2.46 -5.52
CA GLY B 436 1.41 -3.59 -4.63
C GLY B 436 1.87 -4.82 -5.40
N ARG B 437 2.29 -5.84 -4.66
CA ARG B 437 2.82 -7.05 -5.28
C ARG B 437 2.22 -8.29 -4.63
N GLU B 438 1.78 -9.22 -5.48
CA GLU B 438 1.43 -10.57 -5.06
C GLU B 438 2.63 -11.49 -5.24
N LEU B 439 2.54 -12.69 -4.66
CA LEU B 439 3.54 -13.75 -4.83
C LEU B 439 4.87 -13.44 -4.16
N GLY B 440 5.77 -14.42 -4.15
CA GLY B 440 7.03 -14.30 -3.43
C GLY B 440 6.80 -13.92 -1.97
N LEU B 441 7.78 -13.25 -1.39
CA LEU B 441 7.63 -12.73 -0.03
C LEU B 441 6.53 -11.67 0.03
N ALA B 442 6.45 -10.85 -1.01
CA ALA B 442 5.52 -9.73 -1.01
C ALA B 442 4.08 -10.15 -0.75
N GLY B 443 3.66 -11.25 -1.37
CA GLY B 443 2.29 -11.72 -1.25
C GLY B 443 1.83 -11.94 0.17
N ILE B 444 2.73 -12.40 1.05
CA ILE B 444 2.34 -12.66 2.42
C ILE B 444 2.63 -11.50 3.38
N ARG B 445 3.29 -10.45 2.87
CA ARG B 445 3.58 -9.26 3.67
C ARG B 445 2.60 -8.11 3.46
N THR B 446 1.80 -8.17 2.40
CA THR B 446 0.93 -7.04 2.05
C THR B 446 -0.09 -6.70 3.13
N PHE B 447 -0.80 -7.70 3.59
CA PHE B 447 -1.94 -7.49 4.48
C PHE B 447 -1.71 -8.08 5.87
N VAL B 448 -0.56 -7.71 6.44
CA VAL B 448 -0.27 -8.02 7.83
C VAL B 448 0.12 -6.73 8.53
N ASN B 449 -0.08 -6.72 9.84
CA ASN B 449 0.46 -5.70 10.71
C ASN B 449 1.92 -6.05 10.97
N ALA B 450 2.82 -5.25 10.40
CA ALA B 450 4.22 -5.33 10.76
C ALA B 450 4.36 -4.55 12.06
N LYS B 451 4.39 -5.28 13.16
CA LYS B 451 4.37 -4.71 14.51
C LYS B 451 5.79 -4.57 15.02
N THR B 452 6.23 -3.35 15.28
CA THR B 452 7.54 -3.13 15.92
C THR B 452 7.44 -3.37 17.42
N VAL B 453 8.37 -4.15 17.94
CA VAL B 453 8.40 -4.49 19.35
C VAL B 453 9.72 -4.03 19.95
N TRP B 454 9.65 -3.37 21.11
CA TRP B 454 10.84 -2.91 21.80
C TRP B 454 10.67 -3.31 23.26
N LEU B 455 11.61 -4.09 23.77
CA LEU B 455 11.53 -4.54 25.15
C LEU B 455 12.80 -4.12 25.88
N LYS B 456 12.63 -3.36 26.97
CA LYS B 456 13.77 -2.83 27.71
C LYS B 456 14.69 -3.92 28.19
#